data_6YEX
#
_entry.id   6YEX
#
_cell.length_a   56.970
_cell.length_b   93.532
_cell.length_c   126.261
_cell.angle_alpha   90.000
_cell.angle_beta   90.000
_cell.angle_gamma   90.000
#
_symmetry.space_group_name_H-M   'P 21 21 21'
#
loop_
_entity.id
_entity.type
_entity.pdbx_description
1 polymer 'HNH endonuclease'
2 non-polymer 'SULFATE ION'
3 non-polymer 'CHLORIDE ION'
4 water water
#
_entity_poly.entity_id   1
_entity_poly.type   'polypeptide(L)'
_entity_poly.pdbx_seq_one_letter_code
;MNYWWVSQKQTFKQEFEGGYMWSPKENKNGTQSHYYNNMTLVQPGDVVFSFANGLILSVGIARSHAYSYNKPTEFGVAGA
DWANDGWKIDLEYHLVENKIRPKAHIDFIRPYLPQKYSPLQDNGNGNQAYLFSVPHELASKVVELIGSEAEEVIFGFADT
TEITTTADAIECQISNDASIDETEKHQLVKSRRGQGIFRSRLEQVESRCRVTGVQLKNHLIASHIKPWAVSNNQERLDGH
NGLLLAPHVDHLFDKGFISFEDNGEMIVSEKLNLDVLKAWSISQGNYGYFSKQQQEYMCYHRENVFKKL
;
_entity_poly.pdbx_strand_id   A,B
#
# COMPACT_ATOMS: atom_id res chain seq x y z
N MET A 1 10.93 8.39 -16.15
CA MET A 1 9.55 8.62 -16.68
C MET A 1 9.61 9.46 -17.95
N ASN A 2 8.82 9.09 -18.95
CA ASN A 2 8.83 9.78 -20.22
C ASN A 2 7.47 10.40 -20.46
N TYR A 3 7.43 11.34 -21.39
CA TYR A 3 6.20 12.05 -21.75
C TYR A 3 5.83 11.77 -23.21
N TRP A 4 4.52 11.72 -23.46
CA TRP A 4 3.99 11.47 -24.79
C TRP A 4 2.84 12.41 -25.10
N TRP A 5 2.45 12.43 -26.36
CA TRP A 5 1.41 13.32 -26.87
C TRP A 5 0.59 12.51 -27.84
N VAL A 6 -0.69 12.33 -27.53
CA VAL A 6 -1.55 11.53 -28.36
C VAL A 6 -2.57 12.45 -29.02
N SER A 7 -2.55 12.42 -30.35
CA SER A 7 -3.44 13.24 -31.16
C SER A 7 -4.68 12.44 -31.45
N GLN A 8 -5.72 12.64 -30.64
CA GLN A 8 -6.93 11.82 -30.68
C GLN A 8 -8.02 12.38 -31.58
N LYS A 9 -7.80 13.59 -32.09
CA LYS A 9 -8.58 14.14 -33.19
C LYS A 9 -10.08 14.17 -32.87
N GLN A 10 -10.88 13.31 -33.49
N GLN A 10 -10.86 13.29 -33.50
CA GLN A 10 -12.33 13.35 -33.30
CA GLN A 10 -12.32 13.32 -33.35
C GLN A 10 -12.86 12.19 -32.45
C GLN A 10 -12.86 12.21 -32.44
N THR A 11 -11.96 11.42 -31.84
CA THR A 11 -12.36 10.28 -31.02
C THR A 11 -11.86 10.34 -29.57
N PHE A 12 -11.63 11.54 -29.05
CA PHE A 12 -11.24 11.69 -27.64
C PHE A 12 -12.29 11.10 -26.70
N LYS A 13 -13.57 11.40 -26.93
N LYS A 13 -13.57 11.41 -26.94
CA LYS A 13 -14.61 10.97 -26.00
CA LYS A 13 -14.64 10.97 -26.04
C LYS A 13 -14.64 9.45 -25.85
C LYS A 13 -14.63 9.46 -25.85
N GLN A 14 -14.56 8.72 -26.96
CA GLN A 14 -14.61 7.26 -26.89
C GLN A 14 -13.36 6.68 -26.26
N GLU A 15 -12.22 7.29 -26.49
CA GLU A 15 -10.97 6.78 -25.93
C GLU A 15 -10.87 7.12 -24.46
N PHE A 16 -11.35 8.30 -24.08
CA PHE A 16 -11.51 8.67 -22.68
C PHE A 16 -12.47 7.73 -21.96
N GLU A 17 -13.66 7.54 -22.53
N GLU A 17 -13.66 7.54 -22.53
CA GLU A 17 -14.67 6.71 -21.87
CA GLU A 17 -14.67 6.71 -21.90
C GLU A 17 -14.18 5.27 -21.71
C GLU A 17 -14.18 5.28 -21.71
N GLY A 18 -13.40 4.79 -22.68
CA GLY A 18 -12.85 3.43 -22.63
C GLY A 18 -11.54 3.31 -21.86
N GLY A 19 -10.95 4.45 -21.51
CA GLY A 19 -9.65 4.47 -20.80
C GLY A 19 -8.50 3.84 -21.55
N TYR A 20 -8.41 4.11 -22.85
CA TYR A 20 -7.37 3.51 -23.67
C TYR A 20 -6.81 4.44 -24.73
N MET A 21 -5.71 3.97 -25.31
CA MET A 21 -5.21 4.44 -26.60
C MET A 21 -5.11 3.22 -27.50
N TRP A 22 -5.27 3.42 -28.81
CA TRP A 22 -5.09 2.32 -29.75
C TRP A 22 -4.45 2.82 -31.05
N SER A 23 -3.54 2.01 -31.60
CA SER A 23 -2.83 2.34 -32.83
C SER A 23 -2.58 1.07 -33.63
N PRO A 24 -2.42 1.17 -34.95
CA PRO A 24 -1.87 0.05 -35.71
C PRO A 24 -0.50 -0.33 -35.17
N LYS A 25 -0.09 -1.56 -35.37
CA LYS A 25 1.26 -1.94 -35.00
C LYS A 25 2.21 -1.96 -36.19
N GLU A 26 1.68 -2.17 -37.39
N GLU A 26 1.67 -2.17 -37.40
CA GLU A 26 2.52 -2.33 -38.56
CA GLU A 26 2.53 -2.33 -38.56
C GLU A 26 1.83 -1.90 -39.84
C GLU A 26 1.84 -1.90 -39.85
N ASN A 27 2.64 -1.77 -40.90
CA ASN A 27 2.14 -1.61 -42.24
C ASN A 27 1.89 -3.03 -42.74
N LYS A 28 1.28 -3.17 -43.92
N LYS A 28 1.28 -3.16 -43.91
CA LYS A 28 0.94 -4.49 -44.44
CA LYS A 28 0.94 -4.48 -44.45
C LYS A 28 2.17 -5.42 -44.53
C LYS A 28 2.15 -5.41 -44.54
N ASN A 29 3.33 -4.86 -44.87
CA ASN A 29 4.56 -5.65 -45.07
C ASN A 29 5.35 -6.04 -43.79
N GLY A 30 4.80 -5.73 -42.63
CA GLY A 30 5.45 -6.09 -41.37
C GLY A 30 6.33 -5.00 -40.81
N THR A 31 6.63 -3.96 -41.61
CA THR A 31 7.42 -2.83 -41.11
C THR A 31 6.58 -1.98 -40.15
N GLN A 32 7.26 -1.31 -39.24
CA GLN A 32 6.63 -0.36 -38.33
C GLN A 32 6.94 1.04 -38.79
N SER A 33 6.01 1.96 -38.58
CA SER A 33 6.35 3.37 -38.67
C SER A 33 6.92 3.79 -37.32
N HIS A 34 7.63 4.91 -37.32
CA HIS A 34 8.14 5.50 -36.09
C HIS A 34 7.02 5.67 -35.05
N TYR A 35 5.85 6.11 -35.52
CA TYR A 35 4.75 6.41 -34.62
C TYR A 35 4.06 5.15 -34.09
N TYR A 36 3.98 4.08 -34.88
CA TYR A 36 3.46 2.81 -34.36
C TYR A 36 4.44 2.29 -33.29
N ASN A 37 5.72 2.35 -33.62
CA ASN A 37 6.75 1.89 -32.69
C ASN A 37 6.72 2.68 -31.37
N ASN A 38 6.34 3.96 -31.41
CA ASN A 38 6.24 4.75 -30.18
C ASN A 38 5.33 4.07 -29.14
N MET A 39 4.25 3.43 -29.59
CA MET A 39 3.37 2.74 -28.67
C MET A 39 4.12 1.71 -27.85
N THR A 40 5.08 1.03 -28.48
CA THR A 40 5.84 -0.04 -27.83
C THR A 40 6.85 0.48 -26.80
N LEU A 41 7.08 1.78 -26.80
CA LEU A 41 8.05 2.40 -25.89
C LEU A 41 7.42 2.98 -24.64
N VAL A 42 6.09 3.12 -24.63
CA VAL A 42 5.38 3.65 -23.46
C VAL A 42 5.54 2.69 -22.29
N GLN A 43 5.88 3.23 -21.13
CA GLN A 43 5.97 2.45 -19.92
C GLN A 43 4.93 2.91 -18.92
N PRO A 44 4.45 1.99 -18.07
CA PRO A 44 3.53 2.40 -17.00
C PRO A 44 4.11 3.55 -16.18
N GLY A 45 3.28 4.56 -15.93
CA GLY A 45 3.70 5.76 -15.23
C GLY A 45 4.02 6.93 -16.14
N ASP A 46 4.24 6.68 -17.43
CA ASP A 46 4.54 7.75 -18.36
C ASP A 46 3.32 8.67 -18.48
N VAL A 47 3.59 9.94 -18.72
CA VAL A 47 2.56 10.95 -18.82
C VAL A 47 2.20 11.13 -20.29
N VAL A 48 0.89 11.17 -20.58
CA VAL A 48 0.40 11.29 -21.93
C VAL A 48 -0.58 12.45 -22.01
N PHE A 49 -0.20 13.46 -22.78
CA PHE A 49 -1.09 14.58 -23.06
C PHE A 49 -2.06 14.20 -24.16
N SER A 50 -3.37 14.30 -23.87
CA SER A 50 -4.42 14.12 -24.86
C SER A 50 -4.71 15.43 -25.58
N PHE A 51 -4.46 15.44 -26.88
CA PHE A 51 -4.64 16.59 -27.74
C PHE A 51 -5.80 16.27 -28.69
N ALA A 52 -6.85 17.08 -28.62
CA ALA A 52 -8.03 16.87 -29.44
C ALA A 52 -8.72 18.21 -29.66
N ASN A 53 -9.20 18.44 -30.88
N ASN A 53 -9.19 18.44 -30.89
CA ASN A 53 -9.87 19.71 -31.23
CA ASN A 53 -9.84 19.69 -31.30
C ASN A 53 -8.97 20.93 -31.01
C ASN A 53 -8.97 20.91 -31.00
N GLY A 54 -7.66 20.74 -31.15
CA GLY A 54 -6.69 21.80 -30.89
C GLY A 54 -6.42 22.09 -29.41
N LEU A 55 -6.93 21.26 -28.51
CA LEU A 55 -6.85 21.51 -27.08
C LEU A 55 -6.17 20.34 -26.35
N ILE A 56 -5.49 20.63 -25.25
CA ILE A 56 -5.01 19.58 -24.37
C ILE A 56 -6.09 19.35 -23.30
N LEU A 57 -6.71 18.18 -23.37
CA LEU A 57 -7.87 17.88 -22.54
C LEU A 57 -7.60 17.03 -21.30
N SER A 58 -6.54 16.24 -21.34
CA SER A 58 -6.18 15.36 -20.24
C SER A 58 -4.67 15.28 -20.12
N VAL A 59 -4.23 15.15 -18.87
CA VAL A 59 -2.88 14.76 -18.53
C VAL A 59 -3.01 13.35 -17.95
N GLY A 60 -2.76 12.35 -18.79
CA GLY A 60 -3.02 10.97 -18.43
C GLY A 60 -1.77 10.25 -17.99
N ILE A 61 -1.97 9.15 -17.28
CA ILE A 61 -0.88 8.27 -16.85
C ILE A 61 -1.05 6.90 -17.49
N ALA A 62 -0.05 6.44 -18.23
CA ALA A 62 -0.11 5.09 -18.77
C ALA A 62 -0.11 4.09 -17.63
N ARG A 63 -0.96 3.06 -17.74
CA ARG A 63 -1.02 2.00 -16.74
C ARG A 63 -0.69 0.63 -17.31
N SER A 64 -0.25 0.56 -18.56
CA SER A 64 0.22 -0.69 -19.14
C SER A 64 1.28 -0.37 -20.18
N HIS A 65 2.08 -1.37 -20.52
CA HIS A 65 2.79 -1.33 -21.79
C HIS A 65 1.78 -1.60 -22.91
N ALA A 66 2.19 -1.38 -24.15
CA ALA A 66 1.35 -1.75 -25.28
C ALA A 66 1.11 -3.24 -25.28
N TYR A 67 -0.12 -3.64 -25.59
CA TYR A 67 -0.48 -5.03 -25.76
C TYR A 67 -1.34 -5.18 -27.02
N SER A 68 -1.25 -6.35 -27.64
CA SER A 68 -2.03 -6.68 -28.82
C SER A 68 -3.52 -6.65 -28.51
N TYR A 69 -4.29 -5.94 -29.32
CA TYR A 69 -5.74 -5.86 -29.12
C TYR A 69 -6.44 -5.47 -30.40
N ASN A 70 -7.66 -5.98 -30.59
N ASN A 70 -7.67 -5.95 -30.56
CA ASN A 70 -8.42 -5.68 -31.79
CA ASN A 70 -8.44 -5.68 -31.76
C ASN A 70 -8.90 -4.23 -31.76
C ASN A 70 -8.93 -4.24 -31.76
N LYS A 71 -8.94 -3.63 -32.94
CA LYS A 71 -9.41 -2.26 -33.09
C LYS A 71 -10.80 -2.08 -32.47
N PRO A 72 -10.94 -1.13 -31.51
CA PRO A 72 -12.09 -1.00 -30.59
C PRO A 72 -13.38 -0.58 -31.26
N THR A 73 -13.23 0.14 -32.37
CA THR A 73 -14.36 0.58 -33.18
C THR A 73 -14.05 0.18 -34.60
N GLU A 74 -15.05 0.26 -35.48
CA GLU A 74 -14.84 0.01 -36.90
C GLU A 74 -13.98 1.09 -37.56
N PHE A 75 -13.24 0.70 -38.60
CA PHE A 75 -12.59 1.65 -39.51
C PHE A 75 -13.65 2.44 -40.28
N GLY A 76 -13.29 3.65 -40.69
CA GLY A 76 -14.18 4.48 -41.52
C GLY A 76 -14.52 3.82 -42.85
N VAL A 77 -13.52 3.20 -43.47
CA VAL A 77 -13.73 2.39 -44.67
C VAL A 77 -13.38 0.94 -44.34
N ALA A 78 -14.29 0.01 -44.64
CA ALA A 78 -14.08 -1.40 -44.37
C ALA A 78 -12.71 -1.83 -44.89
N GLY A 79 -11.77 -2.02 -43.96
CA GLY A 79 -10.38 -2.24 -44.30
C GLY A 79 -9.99 -3.70 -44.25
N ALA A 80 -8.73 -3.96 -44.54
CA ALA A 80 -8.19 -5.31 -44.51
C ALA A 80 -8.20 -5.86 -43.09
N ASP A 81 -8.27 -7.18 -42.98
CA ASP A 81 -8.35 -7.85 -41.67
C ASP A 81 -7.07 -7.71 -40.85
N TRP A 82 -5.91 -7.76 -41.51
CA TRP A 82 -4.62 -7.61 -40.82
C TRP A 82 -4.54 -6.31 -40.00
N ALA A 83 -5.18 -5.26 -40.50
CA ALA A 83 -5.11 -3.93 -39.86
C ALA A 83 -5.96 -3.82 -38.59
N ASN A 84 -6.76 -4.83 -38.27
CA ASN A 84 -7.56 -4.78 -37.05
C ASN A 84 -6.76 -5.10 -35.80
N ASP A 85 -5.61 -5.76 -35.96
CA ASP A 85 -4.76 -6.10 -34.82
C ASP A 85 -3.76 -4.99 -34.58
N GLY A 86 -3.86 -4.30 -33.45
CA GLY A 86 -2.95 -3.20 -33.17
C GLY A 86 -2.45 -3.22 -31.76
N TRP A 87 -1.92 -2.07 -31.33
CA TRP A 87 -1.43 -1.89 -29.97
C TRP A 87 -2.47 -1.13 -29.18
N LYS A 88 -2.78 -1.64 -27.99
CA LYS A 88 -3.61 -0.93 -27.03
C LYS A 88 -2.77 -0.56 -25.81
N ILE A 89 -3.05 0.59 -25.22
CA ILE A 89 -2.47 0.97 -23.94
C ILE A 89 -3.59 1.41 -23.02
N ASP A 90 -3.55 0.96 -21.78
CA ASP A 90 -4.49 1.44 -20.77
C ASP A 90 -4.00 2.78 -20.27
N LEU A 91 -4.79 3.81 -20.49
CA LEU A 91 -4.41 5.16 -20.15
C LEU A 91 -5.38 5.68 -19.10
N GLU A 92 -4.83 6.10 -17.96
CA GLU A 92 -5.62 6.61 -16.84
C GLU A 92 -5.77 8.10 -17.07
N TYR A 93 -6.93 8.50 -17.61
CA TYR A 93 -7.19 9.88 -17.96
C TYR A 93 -7.36 10.76 -16.73
N HIS A 94 -6.88 11.99 -16.82
CA HIS A 94 -7.17 12.99 -15.80
C HIS A 94 -7.50 14.29 -16.49
N LEU A 95 -8.78 14.65 -16.43
CA LEU A 95 -9.25 15.85 -17.11
C LEU A 95 -8.72 17.07 -16.41
N VAL A 96 -8.40 18.08 -17.21
CA VAL A 96 -7.98 19.38 -16.68
C VAL A 96 -8.98 20.44 -17.08
N GLU A 97 -9.26 21.33 -16.15
N GLU A 97 -9.27 21.33 -16.14
CA GLU A 97 -10.14 22.48 -16.40
CA GLU A 97 -10.12 22.49 -16.36
C GLU A 97 -9.48 23.54 -17.29
C GLU A 97 -9.48 23.53 -17.29
N ASN A 98 -8.18 23.76 -17.13
CA ASN A 98 -7.42 24.67 -18.00
C ASN A 98 -7.02 23.93 -19.26
N LYS A 99 -7.81 24.10 -20.31
CA LYS A 99 -7.57 23.43 -21.60
C LYS A 99 -6.78 24.34 -22.53
N ILE A 100 -5.48 24.08 -22.61
CA ILE A 100 -4.55 24.91 -23.37
C ILE A 100 -4.77 24.67 -24.86
N ARG A 101 -4.67 25.74 -25.64
CA ARG A 101 -4.64 25.67 -27.10
C ARG A 101 -3.20 25.87 -27.58
N PRO A 102 -2.46 24.78 -27.82
CA PRO A 102 -1.03 24.92 -28.11
C PRO A 102 -0.70 25.92 -29.23
N LYS A 103 -1.56 26.01 -30.24
CA LYS A 103 -1.33 26.91 -31.37
C LYS A 103 -1.34 28.38 -30.96
N ALA A 104 -2.11 28.70 -29.92
CA ALA A 104 -2.14 30.06 -29.36
C ALA A 104 -0.91 30.40 -28.49
N HIS A 105 -0.04 29.42 -28.26
CA HIS A 105 1.23 29.63 -27.55
C HIS A 105 2.41 29.13 -28.39
N ILE A 106 2.24 29.07 -29.71
CA ILE A 106 3.25 28.49 -30.60
C ILE A 106 4.59 29.23 -30.53
N ASP A 107 4.54 30.56 -30.38
CA ASP A 107 5.77 31.35 -30.29
C ASP A 107 6.62 30.99 -29.07
N PHE A 108 5.97 30.56 -28.00
CA PHE A 108 6.67 30.09 -26.80
C PHE A 108 7.11 28.61 -26.89
N ILE A 109 6.34 27.82 -27.63
CA ILE A 109 6.57 26.38 -27.77
C ILE A 109 7.60 26.03 -28.86
N ARG A 110 7.55 26.77 -29.97
CA ARG A 110 8.35 26.45 -31.18
C ARG A 110 9.82 26.15 -30.88
N PRO A 111 10.48 26.95 -30.02
CA PRO A 111 11.90 26.71 -29.73
C PRO A 111 12.21 25.35 -29.13
N TYR A 112 11.24 24.72 -28.46
CA TYR A 112 11.46 23.44 -27.79
C TYR A 112 10.88 22.23 -28.55
N LEU A 113 10.27 22.47 -29.71
CA LEU A 113 9.81 21.39 -30.56
C LEU A 113 11.00 20.63 -31.15
N PRO A 114 10.87 19.30 -31.30
CA PRO A 114 11.95 18.52 -31.87
C PRO A 114 12.07 18.71 -33.38
N GLN A 115 13.30 18.58 -33.89
CA GLN A 115 13.59 18.67 -35.31
C GLN A 115 12.80 17.66 -36.14
N LYS A 116 12.62 16.46 -35.58
CA LYS A 116 11.91 15.39 -36.27
C LYS A 116 10.81 14.79 -35.41
N TYR A 117 9.85 14.15 -36.06
CA TYR A 117 8.78 13.40 -35.39
C TYR A 117 8.02 14.25 -34.36
N SER A 118 7.90 15.54 -34.62
CA SER A 118 7.25 16.47 -33.70
C SER A 118 5.72 16.33 -33.74
N PRO A 119 5.06 16.53 -32.59
CA PRO A 119 3.59 16.53 -32.60
C PRO A 119 2.98 17.75 -33.29
N LEU A 120 3.75 18.84 -33.40
CA LEU A 120 3.24 20.09 -33.94
C LEU A 120 4.16 20.58 -35.05
N GLN A 121 3.54 21.17 -36.07
CA GLN A 121 4.26 21.91 -37.11
C GLN A 121 4.70 23.24 -36.50
N ASP A 122 5.60 23.95 -37.18
CA ASP A 122 6.13 25.21 -36.66
C ASP A 122 5.08 26.33 -36.52
N ASN A 123 3.99 26.22 -37.29
CA ASN A 123 2.84 27.14 -37.12
C ASN A 123 1.86 26.70 -36.02
N GLY A 124 2.13 25.57 -35.37
CA GLY A 124 1.28 25.08 -34.28
C GLY A 124 0.14 24.17 -34.71
N ASN A 125 0.06 23.85 -36.01
CA ASN A 125 -0.88 22.85 -36.49
C ASN A 125 -0.38 21.48 -36.08
N GLY A 126 -1.30 20.59 -35.72
CA GLY A 126 -0.93 19.23 -35.33
C GLY A 126 -0.55 18.40 -36.55
N ASN A 127 0.34 17.45 -36.34
CA ASN A 127 0.72 16.52 -37.40
C ASN A 127 -0.27 15.36 -37.46
N GLN A 128 -0.16 14.55 -38.51
CA GLN A 128 -1.20 13.59 -38.85
C GLN A 128 -1.16 12.30 -38.02
N ALA A 129 0.00 11.98 -37.46
CA ALA A 129 0.17 10.71 -36.73
C ALA A 129 -0.50 10.74 -35.35
N TYR A 130 -0.43 9.63 -34.63
CA TYR A 130 -1.21 9.42 -33.42
C TYR A 130 -0.39 9.69 -32.16
N LEU A 131 0.65 8.90 -31.91
CA LEU A 131 1.42 9.04 -30.69
C LEU A 131 2.82 9.58 -30.99
N PHE A 132 3.16 10.68 -30.32
CA PHE A 132 4.44 11.36 -30.47
C PHE A 132 5.16 11.39 -29.13
N SER A 133 6.48 11.29 -29.18
CA SER A 133 7.31 11.52 -28.01
C SER A 133 7.35 13.03 -27.74
N VAL A 134 7.34 13.38 -26.45
CA VAL A 134 7.56 14.75 -25.99
C VAL A 134 8.85 14.77 -25.16
N PRO A 135 9.93 15.33 -25.72
CA PRO A 135 11.14 15.40 -24.93
C PRO A 135 10.95 16.23 -23.66
N HIS A 136 11.82 16.01 -22.68
CA HIS A 136 11.60 16.51 -21.32
C HIS A 136 11.54 18.03 -21.19
N GLU A 137 12.32 18.76 -21.97
N GLU A 137 12.33 18.77 -21.96
CA GLU A 137 12.24 20.23 -21.92
CA GLU A 137 12.24 20.24 -21.92
C GLU A 137 10.91 20.73 -22.49
C GLU A 137 10.91 20.74 -22.49
N LEU A 138 10.50 20.18 -23.64
CA LEU A 138 9.18 20.52 -24.20
C LEU A 138 8.09 20.18 -23.20
N ALA A 139 8.20 19.01 -22.56
CA ALA A 139 7.21 18.59 -21.57
C ALA A 139 7.08 19.62 -20.46
N SER A 140 8.22 20.10 -19.94
CA SER A 140 8.20 21.08 -18.85
C SER A 140 7.48 22.38 -19.25
N LYS A 141 7.63 22.77 -20.52
CA LYS A 141 6.96 23.99 -21.01
C LYS A 141 5.45 23.77 -21.13
N VAL A 142 5.04 22.60 -21.63
CA VAL A 142 3.64 22.24 -21.72
C VAL A 142 3.02 22.22 -20.31
N VAL A 143 3.74 21.65 -19.35
CA VAL A 143 3.26 21.58 -17.98
C VAL A 143 3.10 22.99 -17.39
N GLU A 144 4.03 23.86 -17.70
CA GLU A 144 3.97 25.25 -17.24
C GLU A 144 2.72 25.96 -17.78
N LEU A 145 2.38 25.70 -19.04
CA LEU A 145 1.21 26.33 -19.65
C LEU A 145 -0.09 25.80 -19.05
N ILE A 146 -0.14 24.50 -18.78
CA ILE A 146 -1.34 23.92 -18.18
C ILE A 146 -1.50 24.37 -16.74
N GLY A 147 -0.38 24.40 -16.03
CA GLY A 147 -0.34 24.88 -14.66
C GLY A 147 -0.45 23.79 -13.63
N SER A 148 -0.94 24.15 -12.45
CA SER A 148 -0.88 23.29 -11.29
C SER A 148 -1.61 21.95 -11.46
N GLU A 149 -2.67 21.92 -12.26
CA GLU A 149 -3.40 20.66 -12.51
C GLU A 149 -2.51 19.61 -13.12
N ALA A 150 -1.62 20.03 -14.01
CA ALA A 150 -0.66 19.11 -14.60
C ALA A 150 0.32 18.62 -13.55
N GLU A 151 0.82 19.54 -12.73
CA GLU A 151 1.76 19.20 -11.67
C GLU A 151 1.19 18.17 -10.70
N GLU A 152 -0.10 18.30 -10.40
N GLU A 152 -0.10 18.28 -10.42
CA GLU A 152 -0.83 17.38 -9.51
CA GLU A 152 -0.76 17.41 -9.47
C GLU A 152 -0.79 15.96 -10.02
C GLU A 152 -0.99 15.99 -10.01
N VAL A 153 -0.90 15.81 -11.33
CA VAL A 153 -0.90 14.48 -11.95
C VAL A 153 0.50 13.87 -11.90
N ILE A 154 1.52 14.71 -12.01
CA ILE A 154 2.88 14.22 -12.24
C ILE A 154 3.66 13.94 -10.96
N PHE A 155 3.83 14.96 -10.12
CA PHE A 155 4.80 14.87 -9.03
C PHE A 155 4.26 14.16 -7.83
N GLY A 156 4.89 13.05 -7.47
CA GLY A 156 4.37 12.19 -6.41
C GLY A 156 3.18 11.35 -6.84
N PHE A 157 2.94 11.25 -8.14
CA PHE A 157 1.78 10.49 -8.64
C PHE A 157 2.25 9.74 -9.88
N ALA A 158 2.19 10.32 -11.08
CA ALA A 158 2.74 9.61 -12.26
C ALA A 158 4.17 9.15 -11.99
N ASP A 159 4.97 10.04 -11.45
CA ASP A 159 6.40 9.76 -11.32
C ASP A 159 6.77 8.78 -10.18
N THR A 160 5.80 8.40 -9.35
CA THR A 160 6.01 7.31 -8.38
C THR A 160 5.91 5.91 -9.00
N THR A 161 5.31 5.79 -10.17
CA THR A 161 4.96 4.51 -10.73
C THR A 161 6.20 3.68 -11.01
N GLU A 162 7.17 4.29 -11.67
CA GLU A 162 8.39 3.56 -12.03
C GLU A 162 9.13 3.04 -10.78
N ILE A 163 9.03 3.78 -9.69
N ILE A 163 9.05 3.79 -9.69
CA ILE A 163 9.65 3.38 -8.42
CA ILE A 163 9.64 3.38 -8.42
C ILE A 163 8.94 2.16 -7.85
C ILE A 163 8.95 2.14 -7.90
N THR A 164 7.62 2.14 -7.93
CA THR A 164 6.84 1.00 -7.51
C THR A 164 7.09 -0.21 -8.39
N THR A 165 7.19 0.00 -9.71
CA THR A 165 7.50 -1.06 -10.66
C THR A 165 8.81 -1.74 -10.27
N THR A 166 9.84 -0.94 -9.99
CA THR A 166 11.13 -1.48 -9.59
C THR A 166 11.04 -2.28 -8.29
N ALA A 167 10.37 -1.72 -7.28
CA ALA A 167 10.22 -2.37 -5.99
C ALA A 167 9.44 -3.70 -6.10
N ASP A 168 8.40 -3.71 -6.92
CA ASP A 168 7.63 -4.93 -7.23
C ASP A 168 8.51 -6.00 -7.88
N ALA A 169 9.32 -5.60 -8.86
CA ALA A 169 10.19 -6.55 -9.58
C ALA A 169 11.22 -7.16 -8.64
N ILE A 170 11.76 -6.33 -7.75
CA ILE A 170 12.70 -6.77 -6.75
C ILE A 170 12.09 -7.76 -5.77
N GLU A 171 10.90 -7.45 -5.26
CA GLU A 171 10.22 -8.41 -4.39
C GLU A 171 10.08 -9.76 -5.09
N CYS A 172 9.65 -9.74 -6.36
N CYS A 172 9.65 -9.76 -6.36
CA CYS A 172 9.49 -10.98 -7.14
CA CYS A 172 9.47 -11.01 -7.10
C CYS A 172 10.80 -11.74 -7.25
C CYS A 172 10.80 -11.75 -7.30
N GLN A 173 11.88 -11.02 -7.55
CA GLN A 173 13.21 -11.63 -7.68
C GLN A 173 13.63 -12.33 -6.39
N ILE A 174 13.50 -11.62 -5.27
CA ILE A 174 13.87 -12.14 -3.95
C ILE A 174 13.03 -13.37 -3.61
N SER A 175 11.72 -13.26 -3.77
N SER A 175 11.72 -13.24 -3.78
CA SER A 175 10.79 -14.34 -3.48
CA SER A 175 10.77 -14.32 -3.49
C SER A 175 11.11 -15.62 -4.23
C SER A 175 11.10 -15.61 -4.23
N ASN A 176 11.56 -15.48 -5.47
CA ASN A 176 11.87 -16.64 -6.32
C ASN A 176 13.34 -17.04 -6.35
N ASP A 177 14.17 -16.38 -5.53
CA ASP A 177 15.62 -16.65 -5.52
C ASP A 177 15.94 -17.87 -4.66
N ALA A 178 16.33 -18.97 -5.29
CA ALA A 178 16.60 -20.21 -4.58
C ALA A 178 17.86 -20.14 -3.71
N SER A 179 18.78 -19.22 -4.02
CA SER A 179 20.06 -19.12 -3.31
C SER A 179 19.97 -18.40 -1.95
N ILE A 180 18.85 -17.74 -1.66
CA ILE A 180 18.67 -17.04 -0.39
C ILE A 180 18.13 -17.97 0.71
N ASP A 181 18.66 -17.83 1.92
CA ASP A 181 18.14 -18.51 3.11
C ASP A 181 16.63 -18.26 3.23
N GLU A 182 15.86 -19.31 3.52
N GLU A 182 15.84 -19.30 3.52
CA GLU A 182 14.41 -19.20 3.59
CA GLU A 182 14.38 -19.14 3.54
C GLU A 182 13.93 -18.13 4.57
C GLU A 182 13.91 -18.12 4.57
N THR A 183 14.52 -18.10 5.76
CA THR A 183 14.14 -17.12 6.78
C THR A 183 14.49 -15.71 6.32
N GLU A 184 15.69 -15.53 5.76
CA GLU A 184 16.11 -14.23 5.21
C GLU A 184 15.14 -13.76 4.14
N LYS A 185 14.77 -14.67 3.25
CA LYS A 185 13.84 -14.37 2.19
C LYS A 185 12.55 -13.81 2.79
N HIS A 186 11.98 -14.52 3.76
CA HIS A 186 10.72 -14.08 4.38
C HIS A 186 10.87 -12.71 5.02
N GLN A 187 11.97 -12.50 5.73
N GLN A 187 11.97 -12.48 5.74
CA GLN A 187 12.22 -11.21 6.39
CA GLN A 187 12.16 -11.19 6.40
C GLN A 187 12.39 -10.07 5.40
C GLN A 187 12.40 -10.05 5.41
N LEU A 188 13.14 -10.31 4.33
CA LEU A 188 13.37 -9.28 3.30
C LEU A 188 12.05 -8.88 2.64
N VAL A 189 11.22 -9.86 2.31
CA VAL A 189 9.91 -9.58 1.71
C VAL A 189 8.99 -8.83 2.67
N LYS A 190 8.88 -9.31 3.91
N LYS A 190 8.89 -9.29 3.91
CA LYS A 190 8.00 -8.66 4.88
CA LYS A 190 7.98 -8.65 4.88
C LYS A 190 8.45 -7.23 5.16
C LYS A 190 8.45 -7.24 5.23
N SER A 191 9.76 -6.99 5.23
CA SER A 191 10.28 -5.67 5.56
C SER A 191 9.80 -4.61 4.58
N ARG A 192 9.52 -4.98 3.33
CA ARG A 192 9.08 -4.00 2.35
C ARG A 192 7.88 -3.21 2.86
N ARG A 193 6.92 -3.90 3.47
N ARG A 193 6.93 -3.91 3.47
CA ARG A 193 5.73 -3.23 3.99
CA ARG A 193 5.71 -3.29 4.00
C ARG A 193 5.77 -3.10 5.51
C ARG A 193 5.77 -3.12 5.51
N GLY A 194 6.97 -2.92 6.04
CA GLY A 194 7.16 -2.64 7.44
C GLY A 194 6.73 -3.72 8.39
N GLN A 195 6.90 -4.98 7.99
CA GLN A 195 6.54 -6.11 8.82
C GLN A 195 7.76 -6.98 9.10
N GLY A 196 7.59 -7.86 10.07
CA GLY A 196 8.62 -8.84 10.41
C GLY A 196 9.68 -8.25 11.31
N ILE A 197 10.87 -8.85 11.28
N ILE A 197 10.87 -8.85 11.26
CA ILE A 197 11.96 -8.46 12.17
CA ILE A 197 11.96 -8.47 12.14
C ILE A 197 12.35 -6.98 12.00
C ILE A 197 12.33 -6.99 12.01
N PHE A 198 12.20 -6.43 10.81
CA PHE A 198 12.46 -5.00 10.56
C PHE A 198 11.60 -4.14 11.48
N ARG A 199 10.32 -4.45 11.59
CA ARG A 199 9.46 -3.63 12.44
C ARG A 199 9.85 -3.78 13.91
N SER A 200 10.10 -5.01 14.36
CA SER A 200 10.47 -5.21 15.75
C SER A 200 11.76 -4.48 16.09
N ARG A 201 12.73 -4.50 15.18
CA ARG A 201 14.00 -3.79 15.37
C ARG A 201 13.81 -2.26 15.34
N LEU A 202 12.96 -1.77 14.44
CA LEU A 202 12.63 -0.33 14.43
C LEU A 202 12.02 0.10 15.75
N GLU A 203 11.15 -0.74 16.30
CA GLU A 203 10.52 -0.46 17.58
C GLU A 203 11.51 -0.39 18.77
N GLN A 204 12.71 -0.95 18.61
N GLN A 204 12.70 -0.97 18.59
CA GLN A 204 13.74 -0.81 19.62
CA GLN A 204 13.77 -0.85 19.57
C GLN A 204 14.40 0.57 19.62
C GLN A 204 14.42 0.55 19.61
N VAL A 205 14.33 1.30 18.51
CA VAL A 205 14.97 2.63 18.41
C VAL A 205 14.02 3.82 18.18
N GLU A 206 12.77 3.55 17.83
CA GLU A 206 11.76 4.60 17.67
C GLU A 206 10.47 4.15 18.33
N SER A 207 9.68 5.13 18.78
CA SER A 207 8.48 4.85 19.55
C SER A 207 7.21 5.61 19.15
N ARG A 208 7.32 6.58 18.23
N ARG A 208 7.32 6.55 18.21
CA ARG A 208 6.16 7.39 17.85
CA ARG A 208 6.18 7.38 17.83
C ARG A 208 6.42 8.11 16.54
C ARG A 208 6.41 8.04 16.49
N CYS A 209 5.34 8.57 15.91
CA CYS A 209 5.44 9.46 14.78
C CYS A 209 5.99 10.76 15.32
N ARG A 210 7.16 11.16 14.86
CA ARG A 210 7.78 12.36 15.41
C ARG A 210 6.96 13.58 15.05
N VAL A 211 6.32 13.55 13.88
CA VAL A 211 5.60 14.72 13.36
C VAL A 211 4.26 14.89 14.05
N THR A 212 3.48 13.83 14.18
CA THR A 212 2.14 13.93 14.77
C THR A 212 2.04 13.51 16.23
N GLY A 213 3.09 12.86 16.74
CA GLY A 213 3.10 12.41 18.14
C GLY A 213 2.40 11.11 18.43
N VAL A 214 1.77 10.50 17.41
CA VAL A 214 0.98 9.29 17.64
C VAL A 214 1.90 8.14 18.04
N GLN A 215 1.53 7.46 19.13
CA GLN A 215 2.30 6.33 19.68
C GLN A 215 1.61 4.98 19.44
N LEU A 216 0.38 5.01 18.94
CA LEU A 216 -0.46 3.83 18.85
C LEU A 216 -0.03 2.96 17.68
N LYS A 217 0.38 1.71 17.94
CA LYS A 217 1.00 0.87 16.91
C LYS A 217 0.11 0.65 15.70
N ASN A 218 -1.21 0.57 15.93
CA ASN A 218 -2.19 0.33 14.85
C ASN A 218 -2.51 1.58 14.00
N HIS A 219 -1.87 2.72 14.30
CA HIS A 219 -1.99 3.95 13.51
C HIS A 219 -0.65 4.46 12.98
N LEU A 220 0.35 3.59 13.00
CA LEU A 220 1.67 3.94 12.49
C LEU A 220 2.14 3.01 11.39
N ILE A 221 2.82 3.57 10.40
N ILE A 221 2.80 3.59 10.39
CA ILE A 221 3.46 2.78 9.37
CA ILE A 221 3.49 2.86 9.35
C ILE A 221 4.95 2.73 9.66
C ILE A 221 4.95 2.71 9.77
N ALA A 222 5.51 1.52 9.60
CA ALA A 222 6.96 1.31 9.76
C ALA A 222 7.61 1.59 8.42
N SER A 223 8.10 2.80 8.25
CA SER A 223 8.66 3.27 7.00
C SER A 223 10.16 3.02 7.00
N HIS A 224 10.73 2.71 5.83
CA HIS A 224 12.19 2.83 5.66
C HIS A 224 12.60 4.30 5.46
N ILE A 225 13.88 4.61 5.70
CA ILE A 225 14.42 5.95 5.42
C ILE A 225 15.08 5.92 4.04
N LYS A 226 16.17 5.15 3.91
CA LYS A 226 16.69 4.78 2.60
C LYS A 226 15.71 3.75 2.06
N PRO A 227 15.11 3.98 0.89
CA PRO A 227 14.04 3.10 0.42
C PRO A 227 14.40 1.62 0.40
N TRP A 228 13.43 0.78 0.72
CA TRP A 228 13.63 -0.68 0.69
C TRP A 228 14.27 -1.15 -0.61
N ALA A 229 13.83 -0.62 -1.75
CA ALA A 229 14.26 -1.13 -3.04
C ALA A 229 15.75 -0.93 -3.31
N VAL A 230 16.26 0.23 -2.92
CA VAL A 230 17.66 0.58 -3.18
C VAL A 230 18.60 0.14 -2.04
N SER A 231 18.02 -0.18 -0.88
CA SER A 231 18.76 -0.72 0.24
C SER A 231 19.29 -2.11 -0.04
N ASN A 232 20.48 -2.42 0.47
CA ASN A 232 20.95 -3.80 0.45
C ASN A 232 20.25 -4.61 1.56
N ASN A 233 20.53 -5.91 1.64
CA ASN A 233 19.78 -6.77 2.56
C ASN A 233 20.00 -6.43 4.03
N GLN A 234 21.20 -6.01 4.39
CA GLN A 234 21.44 -5.55 5.74
C GLN A 234 20.60 -4.29 6.02
N GLU A 235 20.62 -3.37 5.06
CA GLU A 235 19.92 -2.09 5.17
C GLU A 235 18.40 -2.29 5.20
N ARG A 236 17.91 -3.33 4.53
CA ARG A 236 16.45 -3.59 4.49
C ARG A 236 15.92 -4.05 5.85
N LEU A 237 16.74 -4.76 6.62
CA LEU A 237 16.31 -5.29 7.92
C LEU A 237 16.83 -4.49 9.11
N ASP A 238 17.52 -3.37 8.82
CA ASP A 238 18.14 -2.55 9.85
C ASP A 238 17.09 -1.64 10.49
N GLY A 239 16.88 -1.79 11.79
CA GLY A 239 15.90 -0.98 12.52
C GLY A 239 16.26 0.50 12.52
N HIS A 240 17.53 0.82 12.30
CA HIS A 240 18.00 2.19 12.15
C HIS A 240 17.65 2.83 10.79
N ASN A 241 17.22 2.01 9.83
CA ASN A 241 16.76 2.49 8.53
C ASN A 241 15.24 2.58 8.51
N GLY A 242 14.70 3.30 9.49
CA GLY A 242 13.26 3.41 9.60
C GLY A 242 12.77 4.53 10.48
N LEU A 243 11.49 4.83 10.30
CA LEU A 243 10.74 5.73 11.17
C LEU A 243 9.34 5.16 11.27
N LEU A 244 8.72 5.35 12.44
CA LEU A 244 7.30 5.11 12.57
C LEU A 244 6.61 6.42 12.19
N LEU A 245 5.68 6.37 11.24
CA LEU A 245 5.01 7.59 10.74
C LEU A 245 3.52 7.40 10.61
N ALA A 246 2.75 8.45 10.92
CA ALA A 246 1.33 8.43 10.60
C ALA A 246 1.20 8.31 9.08
N PRO A 247 0.11 7.69 8.60
CA PRO A 247 0.00 7.36 7.17
C PRO A 247 0.16 8.52 6.22
N HIS A 248 -0.38 9.69 6.56
CA HIS A 248 -0.20 10.86 5.74
C HIS A 248 1.22 11.42 5.76
N VAL A 249 1.90 11.28 6.88
CA VAL A 249 3.32 11.68 6.98
C VAL A 249 4.18 10.66 6.22
N ASP A 250 3.82 9.37 6.31
CA ASP A 250 4.48 8.34 5.51
C ASP A 250 4.36 8.66 4.03
N HIS A 251 3.16 9.10 3.61
CA HIS A 251 2.95 9.52 2.23
C HIS A 251 3.91 10.64 1.81
N LEU A 252 3.97 11.70 2.61
CA LEU A 252 4.78 12.87 2.28
C LEU A 252 6.29 12.54 2.26
N PHE A 253 6.72 11.77 3.24
CA PHE A 253 8.11 11.36 3.35
C PHE A 253 8.57 10.37 2.26
N ASP A 254 7.78 9.33 2.03
CA ASP A 254 8.10 8.33 1.01
C ASP A 254 8.28 8.94 -0.37
N LYS A 255 7.46 9.94 -0.68
N LYS A 255 7.46 9.94 -0.68
CA LYS A 255 7.48 10.58 -1.99
CA LYS A 255 7.47 10.58 -1.99
C LYS A 255 8.44 11.76 -2.08
C LYS A 255 8.49 11.71 -2.09
N GLY A 256 9.05 12.13 -0.96
CA GLY A 256 10.08 13.17 -0.94
C GLY A 256 9.50 14.58 -0.94
N PHE A 257 8.23 14.71 -0.57
CA PHE A 257 7.63 16.03 -0.37
C PHE A 257 8.21 16.69 0.87
N ILE A 258 8.61 15.88 1.85
CA ILE A 258 9.36 16.36 3.01
C ILE A 258 10.56 15.48 3.21
N SER A 259 11.54 15.98 3.95
CA SER A 259 12.64 15.15 4.47
C SER A 259 13.05 15.82 5.76
N PHE A 260 14.15 15.36 6.36
N PHE A 260 14.14 15.35 6.37
CA PHE A 260 14.62 15.95 7.61
CA PHE A 260 14.61 15.92 7.64
C PHE A 260 16.12 16.16 7.60
C PHE A 260 16.12 16.16 7.61
N GLU A 261 16.56 17.25 8.24
CA GLU A 261 17.98 17.46 8.48
C GLU A 261 18.39 16.53 9.64
N ASP A 262 19.68 16.41 9.88
CA ASP A 262 20.17 15.45 10.89
C ASP A 262 19.71 15.77 12.33
N ASN A 263 19.40 17.04 12.59
CA ASN A 263 18.93 17.46 13.92
C ASN A 263 17.40 17.41 14.03
N GLY A 264 16.74 16.95 12.97
CA GLY A 264 15.27 16.80 12.95
C GLY A 264 14.53 17.93 12.24
N GLU A 265 15.23 18.93 11.73
CA GLU A 265 14.54 20.05 11.05
C GLU A 265 13.84 19.53 9.77
N MET A 266 12.52 19.70 9.71
N MET A 266 12.50 19.66 9.72
CA MET A 266 11.76 19.26 8.54
CA MET A 266 11.72 19.23 8.54
C MET A 266 12.12 20.15 7.36
C MET A 266 12.07 20.14 7.36
N ILE A 267 12.40 19.52 6.23
CA ILE A 267 12.69 20.21 4.98
C ILE A 267 11.43 20.01 4.16
N VAL A 268 10.88 21.08 3.59
CA VAL A 268 9.72 20.94 2.73
C VAL A 268 10.16 21.23 1.29
N SER A 269 9.71 20.38 0.37
CA SER A 269 10.03 20.52 -1.04
C SER A 269 9.24 21.65 -1.70
N GLU A 270 9.83 22.27 -2.73
N GLU A 270 9.82 22.27 -2.72
CA GLU A 270 9.13 23.30 -3.51
CA GLU A 270 9.12 23.30 -3.49
C GLU A 270 7.98 22.67 -4.28
C GLU A 270 7.98 22.68 -4.28
N LYS A 271 8.04 21.36 -4.48
N LYS A 271 8.04 21.37 -4.47
CA LYS A 271 6.96 20.63 -5.12
CA LYS A 271 6.96 20.63 -5.12
C LYS A 271 5.79 20.34 -4.18
C LYS A 271 5.79 20.34 -4.18
N LEU A 272 5.93 20.65 -2.89
CA LEU A 272 4.83 20.48 -1.94
C LEU A 272 4.00 21.75 -1.84
N ASN A 273 2.74 21.61 -2.22
CA ASN A 273 1.78 22.69 -2.05
C ASN A 273 1.49 22.81 -0.57
N LEU A 274 1.84 23.96 0.02
CA LEU A 274 1.71 24.13 1.48
C LEU A 274 0.27 24.06 1.99
N ASP A 275 -0.71 24.20 1.10
CA ASP A 275 -2.12 23.95 1.45
C ASP A 275 -2.34 22.59 2.07
N VAL A 276 -1.52 21.60 1.69
CA VAL A 276 -1.66 20.24 2.20
C VAL A 276 -1.34 20.19 3.68
N LEU A 277 -0.24 20.84 4.06
CA LEU A 277 0.15 20.87 5.46
C LEU A 277 -0.91 21.56 6.31
N LYS A 278 -1.46 22.66 5.82
N LYS A 278 -1.46 22.66 5.81
CA LYS A 278 -2.55 23.35 6.51
CA LYS A 278 -2.55 23.37 6.48
C LYS A 278 -3.79 22.46 6.64
C LYS A 278 -3.79 22.48 6.62
N ALA A 279 -4.20 21.84 5.52
CA ALA A 279 -5.38 20.97 5.53
C ALA A 279 -5.26 19.83 6.52
N TRP A 280 -4.06 19.28 6.67
CA TRP A 280 -3.83 18.18 7.59
C TRP A 280 -3.25 18.63 8.94
N SER A 281 -3.22 19.93 9.20
CA SER A 281 -2.67 20.46 10.44
C SER A 281 -1.30 19.86 10.79
N ILE A 282 -0.39 19.85 9.82
CA ILE A 282 1.01 19.45 10.03
C ILE A 282 1.89 20.70 10.05
N SER A 283 2.70 20.85 11.10
CA SER A 283 3.61 22.00 11.21
C SER A 283 5.00 21.71 10.65
N GLN A 284 5.63 22.71 10.06
CA GLN A 284 7.08 22.67 9.86
C GLN A 284 7.74 22.83 11.24
N GLY A 285 9.06 22.77 11.28
CA GLY A 285 9.79 22.96 12.52
C GLY A 285 10.68 21.78 12.82
N ASN A 286 11.06 21.63 14.08
CA ASN A 286 12.07 20.64 14.47
C ASN A 286 11.48 19.44 15.18
N TYR A 287 11.90 18.26 14.74
CA TYR A 287 11.34 16.99 15.21
C TYR A 287 12.34 16.04 15.87
N GLY A 288 13.46 16.62 16.34
CA GLY A 288 14.36 15.97 17.28
C GLY A 288 15.56 15.33 16.59
N TYR A 289 16.67 15.21 17.33
CA TYR A 289 17.88 14.58 16.78
C TYR A 289 17.64 13.15 16.31
N PHE A 290 18.26 12.80 15.19
CA PHE A 290 18.42 11.40 14.80
C PHE A 290 19.78 10.91 15.31
N SER A 291 19.93 9.59 15.33
CA SER A 291 21.16 8.96 15.76
C SER A 291 22.10 8.95 14.57
N LYS A 292 23.38 8.70 14.83
CA LYS A 292 24.34 8.58 13.74
C LYS A 292 23.94 7.49 12.73
N GLN A 293 23.41 6.38 13.22
CA GLN A 293 22.98 5.28 12.35
C GLN A 293 21.84 5.73 11.43
N GLN A 294 20.87 6.44 11.99
CA GLN A 294 19.78 6.98 11.19
C GLN A 294 20.21 8.08 10.21
N GLN A 295 21.19 8.89 10.60
CA GLN A 295 21.66 10.00 9.77
C GLN A 295 22.30 9.49 8.47
N GLU A 296 22.91 8.31 8.52
N GLU A 296 22.92 8.31 8.51
CA GLU A 296 23.47 7.68 7.32
CA GLU A 296 23.47 7.73 7.28
C GLU A 296 22.38 7.52 6.26
C GLU A 296 22.38 7.52 6.24
N TYR A 297 21.22 7.04 6.69
CA TYR A 297 20.10 6.78 5.81
C TYR A 297 19.37 8.07 5.45
N MET A 298 19.23 8.97 6.42
CA MET A 298 18.57 10.24 6.15
C MET A 298 19.32 11.08 5.13
N CYS A 299 20.65 10.99 5.13
CA CYS A 299 21.45 11.69 4.14
C CYS A 299 21.10 11.17 2.75
N TYR A 300 20.98 9.85 2.62
CA TYR A 300 20.54 9.26 1.36
C TYR A 300 19.18 9.83 0.96
N HIS A 301 18.27 9.92 1.92
CA HIS A 301 16.92 10.40 1.62
C HIS A 301 16.94 11.83 1.11
N ARG A 302 17.69 12.70 1.81
CA ARG A 302 17.82 14.09 1.39
C ARG A 302 18.42 14.22 -0.02
N GLU A 303 19.39 13.37 -0.32
CA GLU A 303 20.15 13.47 -1.56
C GLU A 303 19.50 12.78 -2.77
N ASN A 304 18.57 11.85 -2.52
CA ASN A 304 18.02 11.02 -3.60
C ASN A 304 16.49 10.90 -3.65
N VAL A 305 15.82 11.14 -2.54
CA VAL A 305 14.35 11.01 -2.47
C VAL A 305 13.68 12.36 -2.39
N PHE A 306 14.14 13.19 -1.46
CA PHE A 306 13.63 14.56 -1.32
C PHE A 306 13.62 15.25 -2.67
N LYS A 307 12.48 15.86 -3.00
CA LYS A 307 12.31 16.52 -4.28
C LYS A 307 12.93 17.92 -4.25
N LYS A 308 14.00 18.11 -5.02
CA LYS A 308 14.65 19.42 -5.14
C LYS A 308 14.59 19.98 -6.56
N LEU A 309 15.27 21.10 -6.81
CA LEU A 309 15.41 21.71 -8.14
C LEU A 309 14.09 22.18 -8.72
N MET B 1 -9.16 -14.66 12.31
CA MET B 1 -7.89 -14.54 13.07
C MET B 1 -7.98 -15.38 14.33
N ASN B 2 -6.91 -16.14 14.59
CA ASN B 2 -6.81 -16.96 15.78
C ASN B 2 -5.75 -16.41 16.74
N TYR B 3 -5.90 -16.78 18.00
CA TYR B 3 -4.94 -16.43 19.05
C TYR B 3 -4.21 -17.67 19.53
N TRP B 4 -2.93 -17.50 19.85
CA TRP B 4 -2.10 -18.58 20.37
C TRP B 4 -1.38 -18.08 21.60
N TRP B 5 -1.01 -19.01 22.45
CA TRP B 5 -0.25 -18.73 23.67
C TRP B 5 0.98 -19.61 23.57
N VAL B 6 2.16 -18.99 23.55
CA VAL B 6 3.40 -19.74 23.45
C VAL B 6 4.21 -19.65 24.75
N SER B 7 4.48 -20.81 25.34
N SER B 7 4.44 -20.82 25.36
CA SER B 7 5.25 -20.89 26.58
CA SER B 7 5.34 -20.97 26.50
C SER B 7 6.74 -21.05 26.26
C SER B 7 6.74 -21.22 25.98
N GLN B 8 7.48 -19.96 26.45
N GLN B 8 7.60 -20.21 26.00
CA GLN B 8 8.92 -19.95 26.19
CA GLN B 8 8.92 -20.31 25.36
C GLN B 8 9.67 -19.70 27.50
C GLN B 8 10.00 -20.80 26.34
N LYS B 9 9.30 -20.46 28.53
N LYS B 9 9.54 -21.24 27.51
CA LYS B 9 9.91 -20.30 29.86
CA LYS B 9 10.38 -21.93 28.49
C LYS B 9 11.43 -20.14 29.85
C LYS B 9 11.57 -21.10 28.90
N GLN B 10 12.10 -20.86 28.96
N GLN B 10 12.73 -21.52 28.40
CA GLN B 10 13.56 -20.96 28.99
CA GLN B 10 14.01 -20.99 28.82
C GLN B 10 14.25 -20.63 27.65
C GLN B 10 14.71 -20.45 27.57
N THR B 11 13.51 -20.12 26.67
N THR B 11 13.92 -20.17 26.53
CA THR B 11 14.05 -19.91 25.32
CA THR B 11 14.46 -19.76 25.24
C THR B 11 13.86 -18.50 24.73
C THR B 11 13.91 -18.43 24.69
N PHE B 12 13.16 -17.66 25.48
CA PHE B 12 12.64 -16.40 24.97
C PHE B 12 13.69 -15.48 24.37
N LYS B 13 14.76 -15.27 25.12
CA LYS B 13 15.82 -14.40 24.69
C LYS B 13 16.23 -14.65 23.24
N GLN B 14 16.50 -15.91 22.92
N GLN B 14 16.54 -15.91 22.90
CA GLN B 14 16.97 -16.32 21.62
CA GLN B 14 16.98 -16.26 21.55
C GLN B 14 15.89 -16.20 20.53
C GLN B 14 15.87 -16.16 20.50
N GLU B 15 14.67 -16.57 20.89
CA GLU B 15 13.54 -16.58 19.95
C GLU B 15 13.06 -15.15 19.63
N PHE B 16 13.15 -14.26 20.61
CA PHE B 16 12.84 -12.85 20.42
C PHE B 16 13.87 -12.19 19.51
N GLU B 17 15.15 -12.40 19.79
CA GLU B 17 16.18 -11.77 18.97
C GLU B 17 16.12 -12.21 17.51
N GLY B 18 15.79 -13.49 17.28
CA GLY B 18 15.72 -14.04 15.93
C GLY B 18 14.38 -13.89 15.24
N GLY B 19 13.39 -13.39 15.98
CA GLY B 19 12.05 -13.17 15.44
C GLY B 19 11.36 -14.45 14.98
N TYR B 20 11.37 -15.47 15.83
CA TYR B 20 10.76 -16.76 15.45
C TYR B 20 10.17 -17.58 16.59
N MET B 21 9.43 -18.62 16.18
CA MET B 21 9.05 -19.75 17.04
C MET B 21 9.55 -21.03 16.36
N TRP B 22 9.83 -22.06 17.17
CA TRP B 22 10.28 -23.35 16.65
C TRP B 22 9.83 -24.49 17.56
N SER B 23 9.42 -25.59 16.94
CA SER B 23 9.10 -26.82 17.67
C SER B 23 9.44 -28.03 16.82
N PRO B 24 9.56 -29.20 17.47
CA PRO B 24 9.62 -30.41 16.66
C PRO B 24 8.33 -30.64 15.86
N LYS B 25 8.40 -31.55 14.89
CA LYS B 25 7.24 -31.90 14.08
C LYS B 25 6.40 -33.02 14.70
N GLU B 26 7.04 -33.93 15.42
CA GLU B 26 6.34 -35.09 16.00
C GLU B 26 6.94 -35.46 17.37
N ASN B 27 6.24 -36.33 18.11
CA ASN B 27 6.76 -36.83 19.39
C ASN B 27 8.01 -37.68 19.18
N LYS B 28 8.81 -37.84 20.23
CA LYS B 28 10.02 -38.68 20.18
C LYS B 28 9.71 -40.10 19.72
N ASN B 29 8.58 -40.64 20.16
CA ASN B 29 8.19 -42.00 19.80
C ASN B 29 7.56 -42.10 18.39
N GLY B 30 7.59 -40.99 17.64
CA GLY B 30 7.12 -40.98 16.25
C GLY B 30 5.65 -40.70 16.04
N THR B 31 4.88 -40.52 17.12
CA THR B 31 3.44 -40.32 17.02
C THR B 31 3.12 -38.84 16.74
N GLN B 32 1.93 -38.60 16.19
CA GLN B 32 1.44 -37.23 16.00
C GLN B 32 1.25 -36.57 17.36
N SER B 33 1.57 -35.28 17.43
CA SER B 33 1.44 -34.48 18.63
C SER B 33 0.40 -33.38 18.41
N HIS B 34 -0.61 -33.32 19.26
CA HIS B 34 -1.59 -32.24 19.18
C HIS B 34 -0.90 -30.88 19.26
N TYR B 35 -0.01 -30.73 20.23
CA TYR B 35 0.64 -29.44 20.47
C TYR B 35 1.61 -29.05 19.36
N TYR B 36 2.41 -29.99 18.85
CA TYR B 36 3.28 -29.65 17.72
C TYR B 36 2.48 -29.35 16.46
N ASN B 37 1.38 -30.06 16.29
CA ASN B 37 0.54 -29.84 15.12
C ASN B 37 -0.11 -28.47 15.15
N ASN B 38 -0.23 -27.88 16.33
CA ASN B 38 -0.70 -26.50 16.42
C ASN B 38 0.13 -25.56 15.53
N MET B 39 1.42 -25.85 15.38
CA MET B 39 2.29 -25.00 14.56
C MET B 39 1.82 -24.92 13.11
N THR B 40 1.29 -26.03 12.60
CA THR B 40 0.85 -26.10 11.21
C THR B 40 -0.48 -25.39 11.00
N LEU B 41 -1.15 -25.00 12.11
CA LEU B 41 -2.45 -24.36 12.06
C LEU B 41 -2.31 -22.82 12.09
N VAL B 42 -1.10 -22.32 12.37
CA VAL B 42 -0.87 -20.87 12.50
C VAL B 42 -0.88 -20.18 11.14
N GLN B 43 -1.60 -19.06 11.05
N GLN B 43 -1.52 -19.01 11.12
CA GLN B 43 -1.63 -18.28 9.82
CA GLN B 43 -1.72 -18.20 9.93
C GLN B 43 -1.10 -16.88 10.07
C GLN B 43 -1.03 -16.86 10.13
N PRO B 44 -0.47 -16.28 9.05
CA PRO B 44 -0.02 -14.88 9.17
C PRO B 44 -1.18 -14.00 9.66
N GLY B 45 -0.89 -13.10 10.58
CA GLY B 45 -1.92 -12.26 11.19
C GLY B 45 -2.34 -12.74 12.56
N ASP B 46 -2.15 -14.04 12.83
CA ASP B 46 -2.54 -14.58 14.12
C ASP B 46 -1.72 -13.96 15.23
N VAL B 47 -2.37 -13.78 16.37
CA VAL B 47 -1.76 -13.12 17.52
C VAL B 47 -1.21 -14.20 18.45
N VAL B 48 0.04 -13.99 18.88
CA VAL B 48 0.76 -14.97 19.72
C VAL B 48 1.25 -14.26 20.97
N PHE B 49 0.74 -14.69 22.12
CA PHE B 49 1.23 -14.22 23.41
C PHE B 49 2.51 -14.98 23.76
N SER B 50 3.61 -14.26 23.97
CA SER B 50 4.86 -14.87 24.44
C SER B 50 4.85 -14.94 25.95
N PHE B 51 4.88 -16.17 26.48
CA PHE B 51 4.89 -16.43 27.91
C PHE B 51 6.27 -17.01 28.27
N ALA B 52 7.05 -16.23 28.99
CA ALA B 52 8.43 -16.59 29.31
C ALA B 52 8.82 -16.00 30.63
N ASN B 53 9.58 -16.77 31.43
CA ASN B 53 10.00 -16.33 32.75
C ASN B 53 8.80 -15.82 33.55
N GLY B 54 7.66 -16.51 33.41
CA GLY B 54 6.43 -16.19 34.15
C GLY B 54 5.66 -15.00 33.61
N LEU B 55 6.13 -14.41 32.52
CA LEU B 55 5.65 -13.12 32.09
C LEU B 55 5.19 -13.23 30.65
N ILE B 56 4.19 -12.41 30.30
CA ILE B 56 3.84 -12.20 28.91
C ILE B 56 4.66 -11.00 28.45
N LEU B 57 5.72 -11.29 27.71
CA LEU B 57 6.71 -10.28 27.35
C LEU B 57 6.39 -9.60 26.01
N SER B 58 5.62 -10.29 25.16
CA SER B 58 5.27 -9.78 23.83
C SER B 58 3.85 -10.19 23.41
N VAL B 59 3.14 -9.29 22.73
CA VAL B 59 1.93 -9.66 22.00
C VAL B 59 2.35 -9.59 20.54
N GLY B 60 2.65 -10.76 19.97
CA GLY B 60 3.24 -10.81 18.64
C GLY B 60 2.26 -11.14 17.55
N ILE B 61 2.69 -10.95 16.30
CA ILE B 61 1.89 -11.25 15.13
C ILE B 61 2.68 -12.23 14.26
N ALA B 62 2.09 -13.39 13.97
CA ALA B 62 2.71 -14.34 13.07
C ALA B 62 2.81 -13.73 11.67
N ARG B 63 3.96 -13.90 11.03
CA ARG B 63 4.17 -13.45 9.66
C ARG B 63 4.45 -14.55 8.64
N SER B 64 4.42 -15.81 9.08
CA SER B 64 4.50 -16.93 8.15
C SER B 64 3.60 -18.05 8.60
N HIS B 65 3.32 -18.95 7.66
CA HIS B 65 2.90 -20.29 8.01
C HIS B 65 4.14 -21.05 8.49
N ALA B 66 3.90 -22.20 9.11
CA ALA B 66 4.98 -23.09 9.50
C ALA B 66 5.80 -23.52 8.27
N TYR B 67 7.12 -23.42 8.38
CA TYR B 67 7.99 -23.95 7.33
C TYR B 67 9.07 -24.84 7.94
N SER B 68 9.45 -25.89 7.21
N SER B 68 9.46 -25.87 7.19
CA SER B 68 10.46 -26.82 7.71
CA SER B 68 10.49 -26.80 7.64
C SER B 68 11.80 -26.11 7.83
C SER B 68 11.81 -26.08 7.83
N TYR B 69 12.43 -26.25 8.99
CA TYR B 69 13.69 -25.56 9.26
C TYR B 69 14.48 -26.25 10.35
N ASN B 70 15.80 -26.17 10.23
N ASN B 70 15.81 -26.20 10.25
CA ASN B 70 16.74 -26.76 11.19
CA ASN B 70 16.69 -26.83 11.21
C ASN B 70 16.55 -26.21 12.61
C ASN B 70 16.54 -26.24 12.60
N LYS B 71 16.78 -27.06 13.61
CA LYS B 71 16.74 -26.63 15.01
C LYS B 71 17.78 -25.54 15.23
N PRO B 72 17.41 -24.44 15.90
CA PRO B 72 18.35 -23.35 16.17
C PRO B 72 19.63 -23.79 16.87
N THR B 73 20.77 -23.31 16.37
CA THR B 73 22.06 -23.56 16.98
C THR B 73 22.13 -22.85 18.32
N GLU B 74 22.53 -23.58 19.35
CA GLU B 74 22.74 -23.01 20.68
C GLU B 74 24.19 -23.29 21.08
N PHE B 75 24.86 -22.30 21.66
CA PHE B 75 26.29 -22.42 21.96
C PHE B 75 26.55 -23.56 22.95
N GLY B 76 27.63 -24.30 22.70
CA GLY B 76 28.00 -25.46 23.53
C GLY B 76 27.30 -26.75 23.15
N VAL B 77 26.29 -26.65 22.28
CA VAL B 77 25.50 -27.80 21.86
C VAL B 77 25.82 -28.12 20.40
N ASN B 84 17.16 -32.34 14.33
CA ASN B 84 16.44 -32.68 13.11
C ASN B 84 15.32 -31.67 12.85
N ASP B 85 15.00 -31.47 11.58
CA ASP B 85 14.15 -30.35 11.16
C ASP B 85 12.79 -30.31 11.85
N GLY B 86 12.39 -29.10 12.22
CA GLY B 86 11.16 -28.88 12.95
C GLY B 86 10.35 -27.85 12.20
N TRP B 87 9.31 -27.33 12.85
CA TRP B 87 8.53 -26.23 12.28
C TRP B 87 9.07 -24.91 12.80
N LYS B 88 9.34 -23.98 11.87
CA LYS B 88 9.67 -22.60 12.19
C LYS B 88 8.52 -21.69 11.77
N ILE B 89 8.28 -20.66 12.56
CA ILE B 89 7.30 -19.61 12.22
C ILE B 89 7.99 -18.28 12.48
N ASP B 90 7.87 -17.37 11.53
CA ASP B 90 8.39 -16.03 11.68
C ASP B 90 7.38 -15.27 12.51
N LEU B 91 7.82 -14.78 13.66
CA LEU B 91 6.94 -14.10 14.60
C LEU B 91 7.43 -12.69 14.78
N GLU B 92 6.56 -11.73 14.48
CA GLU B 92 6.84 -10.31 14.63
C GLU B 92 6.53 -9.94 16.09
N TYR B 93 7.57 -9.88 16.89
CA TYR B 93 7.42 -9.59 18.30
C TYR B 93 7.06 -8.12 18.51
N HIS B 94 6.25 -7.87 19.54
CA HIS B 94 5.92 -6.51 19.99
C HIS B 94 5.96 -6.49 21.49
N LEU B 95 7.04 -5.91 22.03
CA LEU B 95 7.18 -5.83 23.47
C LEU B 95 6.09 -4.91 23.98
N VAL B 96 5.51 -5.25 25.12
CA VAL B 96 4.49 -4.42 25.73
C VAL B 96 5.04 -3.86 27.05
N GLU B 97 4.66 -2.63 27.37
CA GLU B 97 5.12 -1.97 28.59
C GLU B 97 4.60 -2.71 29.81
N ASN B 98 3.33 -3.08 29.76
CA ASN B 98 2.71 -3.84 30.84
C ASN B 98 2.97 -5.34 30.65
N LYS B 99 4.04 -5.81 31.29
CA LYS B 99 4.48 -7.21 31.21
C LYS B 99 3.88 -7.98 32.37
N ILE B 100 2.74 -8.64 32.13
CA ILE B 100 1.94 -9.21 33.22
C ILE B 100 2.33 -10.64 33.61
N ARG B 101 1.89 -11.03 34.81
CA ARG B 101 2.08 -12.39 35.35
C ARG B 101 0.68 -12.98 35.56
N PRO B 102 0.27 -13.93 34.70
CA PRO B 102 -1.14 -14.37 34.65
C PRO B 102 -1.71 -15.06 35.91
N LYS B 103 -0.87 -15.68 36.73
CA LYS B 103 -1.34 -16.36 37.95
C LYS B 103 -2.11 -15.43 38.88
N ALA B 104 -1.66 -14.18 38.97
CA ALA B 104 -2.27 -13.19 39.87
C ALA B 104 -3.74 -12.89 39.57
N HIS B 105 -4.20 -13.13 38.35
CA HIS B 105 -5.57 -12.80 37.96
C HIS B 105 -6.41 -14.06 37.69
N ILE B 106 -6.03 -15.19 38.30
CA ILE B 106 -6.66 -16.48 38.00
C ILE B 106 -8.15 -16.58 38.38
N ASP B 107 -8.56 -15.97 39.48
CA ASP B 107 -9.99 -15.95 39.86
C ASP B 107 -10.86 -15.34 38.75
N PHE B 108 -10.34 -14.32 38.08
CA PHE B 108 -11.00 -13.69 36.93
C PHE B 108 -10.89 -14.55 35.67
N ILE B 109 -9.72 -15.18 35.48
CA ILE B 109 -9.44 -16.02 34.31
C ILE B 109 -10.09 -17.41 34.31
N ARG B 110 -10.13 -18.07 35.47
N ARG B 110 -10.13 -18.06 35.48
CA ARG B 110 -10.53 -19.48 35.58
CA ARG B 110 -10.53 -19.47 35.61
C ARG B 110 -11.81 -19.85 34.83
C ARG B 110 -11.81 -19.87 34.87
N PRO B 111 -12.90 -19.08 35.01
CA PRO B 111 -14.16 -19.39 34.32
C PRO B 111 -14.06 -19.59 32.80
N TYR B 112 -13.09 -18.91 32.17
CA TYR B 112 -12.96 -18.94 30.72
C TYR B 112 -11.86 -19.88 30.21
N LEU B 113 -11.24 -20.66 31.08
CA LEU B 113 -10.25 -21.66 30.66
C LEU B 113 -10.95 -22.89 30.07
N PRO B 114 -10.41 -23.43 28.97
CA PRO B 114 -11.03 -24.59 28.33
C PRO B 114 -10.80 -25.85 29.17
N GLN B 115 -11.72 -26.82 29.09
CA GLN B 115 -11.58 -28.05 29.85
C GLN B 115 -10.34 -28.85 29.43
N LYS B 116 -10.07 -28.87 28.13
CA LYS B 116 -8.91 -29.56 27.59
C LYS B 116 -7.96 -28.57 26.93
N TYR B 117 -6.67 -28.91 26.93
CA TYR B 117 -5.63 -28.09 26.29
C TYR B 117 -5.51 -26.66 26.80
N SER B 118 -5.83 -26.44 28.07
CA SER B 118 -5.72 -25.10 28.67
C SER B 118 -4.25 -24.72 28.82
N PRO B 119 -3.89 -23.47 28.49
CA PRO B 119 -2.51 -23.03 28.75
C PRO B 119 -2.19 -22.88 30.24
N LEU B 120 -3.22 -22.67 31.05
CA LEU B 120 -3.07 -22.54 32.50
C LEU B 120 -3.86 -23.64 33.24
N GLN B 121 -3.33 -24.08 34.37
CA GLN B 121 -4.02 -25.04 35.23
C GLN B 121 -5.04 -24.26 36.05
N ASP B 122 -6.00 -24.94 36.67
N ASP B 122 -5.98 -24.96 36.69
CA ASP B 122 -7.05 -24.26 37.43
CA ASP B 122 -7.05 -24.29 37.45
C ASP B 122 -6.51 -23.38 38.57
C ASP B 122 -6.51 -23.40 38.58
N ASN B 123 -5.31 -23.72 39.06
CA ASN B 123 -4.64 -22.94 40.11
C ASN B 123 -3.88 -21.72 39.58
N GLY B 124 -3.76 -21.60 38.25
CA GLY B 124 -3.11 -20.45 37.62
C GLY B 124 -1.69 -20.70 37.11
N ASN B 125 -1.11 -21.86 37.43
CA ASN B 125 0.20 -22.21 36.88
C ASN B 125 0.08 -22.64 35.44
N GLY B 126 1.11 -22.39 34.65
CA GLY B 126 1.12 -22.77 33.24
C GLY B 126 1.24 -24.27 33.05
N ASN B 127 0.74 -24.76 31.92
CA ASN B 127 0.95 -26.15 31.48
C ASN B 127 2.29 -26.24 30.75
N GLN B 128 2.73 -27.45 30.42
N GLN B 128 2.74 -27.46 30.43
CA GLN B 128 4.11 -27.66 29.97
CA GLN B 128 4.12 -27.66 29.97
C GLN B 128 4.31 -27.84 28.46
C GLN B 128 4.32 -27.79 28.45
N ALA B 129 3.26 -27.59 27.66
CA ALA B 129 3.39 -27.64 26.20
C ALA B 129 4.00 -26.34 25.69
N TYR B 130 4.25 -26.25 24.38
CA TYR B 130 4.89 -25.06 23.80
C TYR B 130 3.85 -24.09 23.23
N LEU B 131 3.07 -24.57 22.27
CA LEU B 131 2.07 -23.71 21.61
C LEU B 131 0.64 -24.19 21.89
N PHE B 132 -0.13 -23.36 22.59
CA PHE B 132 -1.54 -23.62 22.87
C PHE B 132 -2.41 -22.71 22.02
N SER B 133 -3.57 -23.21 21.64
CA SER B 133 -4.60 -22.36 21.07
C SER B 133 -5.29 -21.61 22.22
N VAL B 134 -5.62 -20.35 21.98
CA VAL B 134 -6.39 -19.57 22.96
C VAL B 134 -7.76 -19.30 22.35
N PRO B 135 -8.81 -19.95 22.89
CA PRO B 135 -10.17 -19.65 22.45
C PRO B 135 -10.48 -18.16 22.55
N HIS B 136 -11.43 -17.71 21.75
N HIS B 136 -11.42 -17.73 21.72
CA HIS B 136 -11.65 -16.29 21.57
CA HIS B 136 -11.76 -16.32 21.55
C HIS B 136 -12.18 -15.57 22.82
C HIS B 136 -12.13 -15.61 22.85
N GLU B 137 -12.99 -16.23 23.64
CA GLU B 137 -13.49 -15.60 24.87
C GLU B 137 -12.35 -15.33 25.84
N LEU B 138 -11.53 -16.36 26.06
CA LEU B 138 -10.34 -16.26 26.88
C LEU B 138 -9.35 -15.24 26.33
N ALA B 139 -9.17 -15.23 25.02
CA ALA B 139 -8.26 -14.30 24.38
C ALA B 139 -8.57 -12.87 24.80
N SER B 140 -9.85 -12.53 24.80
CA SER B 140 -10.30 -11.18 25.16
C SER B 140 -10.00 -10.85 26.63
N LYS B 141 -10.06 -11.86 27.50
CA LYS B 141 -9.75 -11.67 28.92
C LYS B 141 -8.28 -11.37 29.14
N VAL B 142 -7.42 -12.08 28.41
CA VAL B 142 -5.98 -11.85 28.45
C VAL B 142 -5.66 -10.45 27.92
N VAL B 143 -6.32 -10.08 26.83
CA VAL B 143 -6.18 -8.74 26.26
C VAL B 143 -6.62 -7.65 27.24
N GLU B 144 -7.74 -7.89 27.94
CA GLU B 144 -8.18 -6.98 29.03
C GLU B 144 -7.09 -6.71 30.06
N LEU B 145 -6.39 -7.76 30.44
CA LEU B 145 -5.40 -7.69 31.51
C LEU B 145 -4.12 -7.00 31.06
N ILE B 146 -3.67 -7.29 29.85
CA ILE B 146 -2.51 -6.58 29.30
C ILE B 146 -2.81 -5.10 29.13
N GLY B 147 -4.00 -4.79 28.62
CA GLY B 147 -4.47 -3.43 28.46
C GLY B 147 -4.45 -2.98 27.02
N SER B 148 -4.59 -1.68 26.80
CA SER B 148 -4.80 -1.15 25.47
C SER B 148 -3.64 -1.38 24.49
N GLU B 149 -2.42 -1.65 25.00
CA GLU B 149 -1.29 -1.91 24.10
C GLU B 149 -1.45 -3.24 23.35
N ALA B 150 -2.13 -4.19 23.98
CA ALA B 150 -2.45 -5.43 23.29
C ALA B 150 -3.49 -5.14 22.21
N GLU B 151 -4.42 -4.23 22.48
CA GLU B 151 -5.42 -3.85 21.50
C GLU B 151 -4.78 -3.16 20.29
N GLU B 152 -3.73 -2.39 20.53
CA GLU B 152 -2.97 -1.72 19.47
C GLU B 152 -2.36 -2.71 18.48
N VAL B 153 -1.95 -3.87 19.00
CA VAL B 153 -1.37 -4.91 18.15
C VAL B 153 -2.45 -5.56 17.28
N ILE B 154 -3.66 -5.68 17.82
CA ILE B 154 -4.75 -6.43 17.18
C ILE B 154 -5.61 -5.64 16.19
N PHE B 155 -6.29 -4.59 16.66
CA PHE B 155 -7.36 -3.97 15.88
C PHE B 155 -6.81 -3.07 14.80
N GLY B 156 -7.11 -3.41 13.55
CA GLY B 156 -6.60 -2.67 12.42
C GLY B 156 -5.13 -2.92 12.16
N PHE B 157 -4.58 -3.97 12.75
CA PHE B 157 -3.15 -4.30 12.62
C PHE B 157 -3.06 -5.81 12.38
N ALA B 158 -2.95 -6.61 13.44
CA ALA B 158 -2.96 -8.06 13.28
C ALA B 158 -4.18 -8.53 12.51
N ASP B 159 -5.35 -8.01 12.87
CA ASP B 159 -6.59 -8.51 12.28
C ASP B 159 -6.86 -8.06 10.83
N THR B 160 -6.01 -7.20 10.29
CA THR B 160 -6.09 -6.83 8.87
C THR B 160 -5.35 -7.80 7.97
N THR B 161 -4.46 -8.61 8.55
CA THR B 161 -3.56 -9.39 7.73
C THR B 161 -4.30 -10.43 6.89
N GLU B 162 -5.23 -11.15 7.51
CA GLU B 162 -5.99 -12.17 6.80
C GLU B 162 -6.80 -11.56 5.66
N ILE B 163 -7.28 -10.33 5.85
N ILE B 163 -7.28 -10.33 5.85
CA ILE B 163 -8.01 -9.63 4.81
CA ILE B 163 -8.01 -9.62 4.82
C ILE B 163 -7.10 -9.34 3.61
C ILE B 163 -7.10 -9.35 3.61
N THR B 164 -5.88 -8.89 3.89
CA THR B 164 -4.89 -8.63 2.84
C THR B 164 -4.49 -9.94 2.13
N THR B 165 -4.33 -11.01 2.89
CA THR B 165 -4.05 -12.32 2.30
C THR B 165 -5.12 -12.72 1.30
N THR B 166 -6.38 -12.61 1.70
CA THR B 166 -7.52 -12.93 0.83
C THR B 166 -7.53 -12.08 -0.44
N ALA B 167 -7.25 -10.79 -0.29
CA ALA B 167 -7.24 -9.88 -1.44
C ALA B 167 -6.06 -10.17 -2.37
N ASP B 168 -4.90 -10.45 -1.79
CA ASP B 168 -3.72 -10.83 -2.57
C ASP B 168 -4.01 -12.05 -3.47
N ALA B 169 -4.76 -13.01 -2.94
CA ALA B 169 -5.12 -14.23 -3.68
C ALA B 169 -6.14 -13.99 -4.77
N ILE B 170 -7.06 -13.05 -4.53
CA ILE B 170 -8.02 -12.66 -5.54
C ILE B 170 -7.33 -11.97 -6.71
N GLU B 171 -6.31 -11.14 -6.41
CA GLU B 171 -5.49 -10.52 -7.46
C GLU B 171 -4.74 -11.58 -8.27
N CYS B 172 -4.26 -12.61 -7.59
N CYS B 172 -4.25 -12.61 -7.57
CA CYS B 172 -3.60 -13.73 -8.27
CA CYS B 172 -3.60 -13.75 -8.20
C CYS B 172 -4.55 -14.52 -9.17
C CYS B 172 -4.53 -14.52 -9.14
N GLN B 173 -5.76 -14.77 -8.69
CA GLN B 173 -6.76 -15.45 -9.51
C GLN B 173 -6.99 -14.70 -10.82
N ILE B 174 -7.04 -13.37 -10.74
CA ILE B 174 -7.31 -12.56 -11.90
C ILE B 174 -6.10 -12.48 -12.83
N SER B 175 -4.93 -12.19 -12.27
N SER B 175 -4.93 -12.19 -12.26
CA SER B 175 -3.74 -12.00 -13.06
CA SER B 175 -3.71 -12.02 -13.03
C SER B 175 -3.36 -13.26 -13.85
C SER B 175 -3.39 -13.26 -13.86
N ASN B 176 -3.69 -14.42 -13.28
CA ASN B 176 -3.41 -15.72 -13.92
C ASN B 176 -4.57 -16.37 -14.66
N ASP B 177 -5.72 -15.71 -14.70
CA ASP B 177 -6.89 -16.16 -15.44
C ASP B 177 -6.56 -16.06 -16.93
N ALA B 178 -6.50 -17.21 -17.59
CA ALA B 178 -6.15 -17.27 -19.01
C ALA B 178 -7.33 -16.99 -19.94
N SER B 179 -8.54 -16.90 -19.38
CA SER B 179 -9.76 -16.70 -20.15
C SER B 179 -10.24 -15.24 -20.19
N ILE B 180 -10.02 -14.53 -19.09
CA ILE B 180 -10.57 -13.18 -18.98
C ILE B 180 -9.90 -12.27 -20.02
N ASP B 181 -10.69 -11.36 -20.57
CA ASP B 181 -10.24 -10.34 -21.50
C ASP B 181 -9.03 -9.61 -20.90
N GLU B 182 -8.04 -9.32 -21.74
CA GLU B 182 -6.80 -8.70 -21.28
C GLU B 182 -7.02 -7.29 -20.70
N THR B 183 -7.87 -6.49 -21.34
CA THR B 183 -8.14 -5.16 -20.81
C THR B 183 -8.84 -5.26 -19.46
N GLU B 184 -9.86 -6.11 -19.39
CA GLU B 184 -10.58 -6.30 -18.14
C GLU B 184 -9.64 -6.74 -17.02
N LYS B 185 -8.76 -7.69 -17.32
CA LYS B 185 -7.75 -8.14 -16.36
C LYS B 185 -6.96 -6.95 -15.80
N HIS B 186 -6.40 -6.16 -16.70
CA HIS B 186 -5.59 -5.00 -16.31
C HIS B 186 -6.37 -4.04 -15.44
N GLN B 187 -7.59 -3.70 -15.85
CA GLN B 187 -8.40 -2.72 -15.12
C GLN B 187 -8.81 -3.23 -13.73
N LEU B 188 -9.15 -4.52 -13.64
CA LEU B 188 -9.53 -5.08 -12.35
C LEU B 188 -8.33 -5.07 -11.40
N VAL B 189 -7.16 -5.46 -11.90
CA VAL B 189 -5.95 -5.45 -11.08
C VAL B 189 -5.56 -4.03 -10.66
N LYS B 190 -5.52 -3.11 -11.60
N LYS B 190 -5.52 -3.11 -11.60
CA LYS B 190 -5.11 -1.73 -11.29
CA LYS B 190 -5.12 -1.73 -11.29
C LYS B 190 -6.08 -1.09 -10.30
C LYS B 190 -6.08 -1.09 -10.30
N SER B 191 -7.38 -1.42 -10.40
CA SER B 191 -8.39 -0.84 -9.53
C SER B 191 -8.16 -1.17 -8.07
N ARG B 192 -7.50 -2.29 -7.79
CA ARG B 192 -7.22 -2.63 -6.41
C ARG B 192 -6.49 -1.53 -5.66
N ARG B 193 -5.50 -0.92 -6.31
N ARG B 193 -5.48 -0.93 -6.29
CA ARG B 193 -4.72 0.14 -5.70
CA ARG B 193 -4.72 0.15 -5.68
C ARG B 193 -5.15 1.52 -6.23
C ARG B 193 -5.15 1.52 -6.22
N GLY B 194 -6.40 1.61 -6.63
CA GLY B 194 -6.99 2.91 -6.98
C GLY B 194 -6.43 3.50 -8.25
N GLN B 195 -6.10 2.64 -9.21
CA GLN B 195 -5.58 3.10 -10.48
C GLN B 195 -6.47 2.65 -11.64
N GLY B 196 -6.22 3.21 -12.80
CA GLY B 196 -6.91 2.81 -14.00
C GLY B 196 -8.25 3.46 -14.17
N ILE B 197 -9.12 2.81 -14.91
CA ILE B 197 -10.41 3.38 -15.24
C ILE B 197 -11.25 3.65 -13.98
N PHE B 198 -11.09 2.82 -12.94
CA PHE B 198 -11.74 3.08 -11.65
C PHE B 198 -11.38 4.48 -11.13
N ARG B 199 -10.11 4.85 -11.16
CA ARG B 199 -9.70 6.17 -10.66
C ARG B 199 -10.32 7.28 -11.51
N SER B 200 -10.25 7.17 -12.83
CA SER B 200 -10.77 8.21 -13.72
C SER B 200 -12.26 8.37 -13.51
N ARG B 201 -12.96 7.25 -13.40
CA ARG B 201 -14.41 7.29 -13.18
C ARG B 201 -14.75 7.94 -11.84
N LEU B 202 -14.03 7.57 -10.79
CA LEU B 202 -14.21 8.17 -9.48
C LEU B 202 -14.03 9.70 -9.52
N GLU B 203 -13.07 10.17 -10.31
CA GLU B 203 -12.77 11.60 -10.38
C GLU B 203 -13.90 12.41 -11.02
N GLN B 204 -14.82 11.74 -11.71
CA GLN B 204 -15.96 12.43 -12.30
C GLN B 204 -17.12 12.52 -11.30
N VAL B 205 -17.04 11.77 -10.21
CA VAL B 205 -18.06 11.71 -9.16
C VAL B 205 -17.65 12.49 -7.91
N GLU B 206 -16.39 12.33 -7.50
CA GLU B 206 -15.82 12.98 -6.32
C GLU B 206 -14.70 13.91 -6.74
N SER B 207 -14.53 15.00 -5.98
CA SER B 207 -13.55 16.05 -6.31
C SER B 207 -12.47 16.25 -5.25
N ARG B 208 -12.68 15.71 -4.05
CA ARG B 208 -11.81 16.00 -2.91
C ARG B 208 -12.03 15.02 -1.78
N CYS B 209 -11.09 15.03 -0.83
CA CYS B 209 -11.23 14.29 0.40
C CYS B 209 -12.37 14.93 1.19
N ARG B 210 -13.40 14.13 1.45
N ARG B 210 -13.44 14.21 1.50
CA ARG B 210 -14.56 14.50 2.26
CA ARG B 210 -14.55 14.85 2.20
C ARG B 210 -14.15 15.18 3.56
C ARG B 210 -14.17 15.25 3.62
N VAL B 211 -13.20 14.56 4.23
CA VAL B 211 -12.82 14.87 5.60
C VAL B 211 -11.84 16.03 5.71
N THR B 212 -10.83 16.08 4.85
CA THR B 212 -9.79 17.11 4.95
C THR B 212 -9.90 18.22 3.91
N GLY B 213 -10.69 18.00 2.87
CA GLY B 213 -10.96 19.00 1.84
C GLY B 213 -9.91 19.11 0.75
N VAL B 214 -8.86 18.31 0.83
CA VAL B 214 -7.78 18.37 -0.15
C VAL B 214 -8.31 17.96 -1.52
N GLN B 215 -7.99 18.78 -2.54
CA GLN B 215 -8.39 18.53 -3.92
C GLN B 215 -7.26 18.03 -4.81
N LEU B 216 -6.04 18.06 -4.28
CA LEU B 216 -4.85 17.84 -5.08
C LEU B 216 -4.71 16.35 -5.34
N LYS B 217 -4.75 15.96 -6.61
N LYS B 217 -4.75 15.96 -6.61
CA LYS B 217 -4.84 14.55 -6.99
CA LYS B 217 -4.84 14.55 -6.99
C LYS B 217 -3.65 13.73 -6.53
C LYS B 217 -3.65 13.73 -6.53
N ASN B 218 -2.49 14.37 -6.39
CA ASN B 218 -1.28 13.68 -5.91
C ASN B 218 -1.23 13.46 -4.39
N HIS B 219 -2.24 13.93 -3.67
CA HIS B 219 -2.36 13.74 -2.23
C HIS B 219 -3.61 13.01 -1.83
N LEU B 220 -4.25 12.36 -2.80
CA LEU B 220 -5.47 11.60 -2.56
C LEU B 220 -5.33 10.16 -2.98
N ILE B 221 -5.90 9.27 -2.18
CA ILE B 221 -6.02 7.84 -2.48
C ILE B 221 -7.41 7.58 -3.03
N ALA B 222 -7.50 6.84 -4.15
CA ALA B 222 -8.80 6.39 -4.66
C ALA B 222 -9.17 5.11 -3.92
N SER B 223 -10.04 5.24 -2.94
N SER B 223 -10.00 5.23 -2.89
CA SER B 223 -10.45 4.15 -2.08
CA SER B 223 -10.42 4.10 -2.07
C SER B 223 -11.77 3.56 -2.56
C SER B 223 -11.74 3.56 -2.58
N HIS B 224 -11.94 2.25 -2.49
CA HIS B 224 -13.26 1.65 -2.71
C HIS B 224 -14.11 1.83 -1.44
N ILE B 225 -15.43 1.80 -1.60
CA ILE B 225 -16.35 1.86 -0.45
C ILE B 225 -16.65 0.42 -0.05
N LYS B 226 -17.33 -0.31 -0.92
CA LYS B 226 -17.39 -1.75 -0.80
C LYS B 226 -16.03 -2.28 -1.24
N PRO B 227 -15.33 -3.04 -0.38
CA PRO B 227 -13.95 -3.40 -0.70
C PRO B 227 -13.78 -4.08 -2.06
N TRP B 228 -12.64 -3.80 -2.67
CA TRP B 228 -12.27 -4.40 -3.95
C TRP B 228 -12.43 -5.92 -3.90
N ALA B 229 -11.95 -6.52 -2.82
CA ALA B 229 -11.99 -7.99 -2.69
C ALA B 229 -13.39 -8.60 -2.82
N VAL B 230 -14.38 -8.01 -2.15
CA VAL B 230 -15.76 -8.56 -2.16
C VAL B 230 -16.65 -7.98 -3.25
N SER B 231 -16.19 -6.92 -3.89
CA SER B 231 -16.90 -6.34 -5.02
C SER B 231 -16.87 -7.31 -6.20
N ASN B 232 -17.94 -7.31 -6.98
CA ASN B 232 -17.93 -8.03 -8.24
C ASN B 232 -17.23 -7.13 -9.27
N ASN B 233 -17.02 -7.62 -10.48
CA ASN B 233 -16.22 -6.86 -11.45
C ASN B 233 -16.80 -5.51 -11.84
N GLN B 234 -18.12 -5.41 -11.95
CA GLN B 234 -18.76 -4.11 -12.17
C GLN B 234 -18.48 -3.16 -10.99
N GLU B 235 -18.66 -3.66 -9.77
CA GLU B 235 -18.49 -2.85 -8.58
C GLU B 235 -17.04 -2.41 -8.40
N ARG B 236 -16.09 -3.24 -8.83
CA ARG B 236 -14.66 -2.88 -8.74
C ARG B 236 -14.29 -1.69 -9.59
N LEU B 237 -14.99 -1.51 -10.72
CA LEU B 237 -14.69 -0.45 -11.67
C LEU B 237 -15.69 0.71 -11.65
N ASP B 238 -16.61 0.67 -10.69
CA ASP B 238 -17.68 1.67 -10.57
C ASP B 238 -17.14 2.90 -9.87
N GLY B 239 -17.17 4.04 -10.56
CA GLY B 239 -16.80 5.31 -9.97
C GLY B 239 -17.63 5.73 -8.78
N HIS B 240 -18.83 5.14 -8.63
CA HIS B 240 -19.66 5.40 -7.45
C HIS B 240 -19.34 4.52 -6.27
N ASN B 241 -18.44 3.55 -6.45
CA ASN B 241 -17.95 2.70 -5.36
C ASN B 241 -16.58 3.18 -4.90
N GLY B 242 -16.49 4.46 -4.58
CA GLY B 242 -15.24 4.98 -4.10
C GLY B 242 -15.33 6.34 -3.47
N LEU B 243 -14.26 6.67 -2.78
CA LEU B 243 -14.03 8.02 -2.26
C LEU B 243 -12.58 8.37 -2.50
N LEU B 244 -12.33 9.64 -2.75
CA LEU B 244 -10.99 10.18 -2.74
C LEU B 244 -10.73 10.61 -1.30
N LEU B 245 -9.67 10.09 -0.70
CA LEU B 245 -9.37 10.35 0.70
C LEU B 245 -7.90 10.64 0.91
N ALA B 246 -7.61 11.54 1.83
CA ALA B 246 -6.25 11.77 2.28
C ALA B 246 -5.73 10.44 2.86
N PRO B 247 -4.41 10.19 2.80
CA PRO B 247 -3.92 8.86 3.20
C PRO B 247 -4.26 8.40 4.61
N HIS B 248 -4.26 9.32 5.56
CA HIS B 248 -4.64 8.96 6.93
C HIS B 248 -6.13 8.67 7.07
N VAL B 249 -6.94 9.32 6.25
CA VAL B 249 -8.38 9.08 6.27
C VAL B 249 -8.67 7.76 5.53
N ASP B 250 -7.96 7.49 4.45
CA ASP B 250 -7.99 6.17 3.78
C ASP B 250 -7.68 5.04 4.78
N HIS B 251 -6.63 5.23 5.57
CA HIS B 251 -6.25 4.26 6.60
C HIS B 251 -7.43 4.00 7.55
N LEU B 252 -8.07 5.06 8.05
CA LEU B 252 -9.14 4.87 9.02
C LEU B 252 -10.36 4.21 8.40
N PHE B 253 -10.68 4.60 7.17
CA PHE B 253 -11.88 4.13 6.50
C PHE B 253 -11.70 2.70 6.00
N ASP B 254 -10.59 2.44 5.31
N ASP B 254 -10.57 2.40 5.40
CA ASP B 254 -10.28 1.11 4.76
CA ASP B 254 -10.38 1.06 4.87
C ASP B 254 -10.39 -0.01 5.79
C ASP B 254 -10.14 -0.01 5.95
N LYS B 255 -9.84 0.28 6.97
N LYS B 255 -9.71 0.37 7.16
CA LYS B 255 -9.77 -0.68 8.08
CA LYS B 255 -9.67 -0.60 8.25
C LYS B 255 -11.00 -0.69 8.97
C LYS B 255 -10.97 -0.64 9.06
N GLY B 256 -11.91 0.25 8.75
CA GLY B 256 -13.17 0.28 9.46
C GLY B 256 -13.12 0.95 10.81
N PHE B 257 -12.10 1.75 11.08
CA PHE B 257 -12.12 2.59 12.29
C PHE B 257 -13.20 3.65 12.19
N ILE B 258 -13.50 4.08 10.98
CA ILE B 258 -14.62 5.00 10.72
C ILE B 258 -15.47 4.47 9.58
N SER B 259 -16.69 4.99 9.49
CA SER B 259 -17.56 4.81 8.36
C SER B 259 -18.43 6.08 8.28
N PHE B 260 -19.45 6.05 7.45
CA PHE B 260 -20.33 7.20 7.31
C PHE B 260 -21.78 6.77 7.23
N GLU B 261 -22.65 7.61 7.81
CA GLU B 261 -24.09 7.55 7.56
C GLU B 261 -24.37 8.03 6.15
N ASP B 262 -25.51 7.63 5.62
CA ASP B 262 -25.90 7.99 4.25
C ASP B 262 -25.96 9.51 4.05
N ASN B 263 -26.36 10.23 5.10
CA ASN B 263 -26.44 11.69 5.00
C ASN B 263 -25.18 12.42 5.40
N GLY B 264 -24.09 11.67 5.62
CA GLY B 264 -22.76 12.25 5.75
C GLY B 264 -22.09 12.19 7.11
N GLU B 265 -22.80 11.84 8.19
CA GLU B 265 -22.18 11.87 9.53
C GLU B 265 -21.09 10.81 9.63
N MET B 266 -19.93 11.21 10.13
N MET B 266 -19.94 11.20 10.12
CA MET B 266 -18.85 10.24 10.40
CA MET B 266 -18.90 10.22 10.38
C MET B 266 -19.24 9.36 11.58
C MET B 266 -19.32 9.34 11.54
N ILE B 267 -19.04 8.04 11.42
CA ILE B 267 -19.31 7.07 12.47
C ILE B 267 -17.97 6.55 12.95
N VAL B 268 -17.80 6.39 14.25
CA VAL B 268 -16.52 5.92 14.80
C VAL B 268 -16.65 4.58 15.50
N SER B 269 -15.71 3.69 15.21
CA SER B 269 -15.64 2.39 15.85
C SER B 269 -15.36 2.52 17.34
N GLU B 270 -15.95 1.61 18.11
CA GLU B 270 -15.66 1.45 19.53
C GLU B 270 -14.16 1.27 19.78
N LYS B 271 -13.46 0.67 18.82
CA LYS B 271 -12.04 0.41 18.97
C LYS B 271 -11.12 1.45 18.33
N LEU B 272 -11.67 2.59 17.92
CA LEU B 272 -10.86 3.73 17.54
C LEU B 272 -10.54 4.54 18.80
N ASN B 273 -9.25 4.67 19.10
CA ASN B 273 -8.79 5.49 20.20
C ASN B 273 -8.99 6.95 19.78
N LEU B 274 -9.75 7.70 20.57
CA LEU B 274 -10.09 9.07 20.18
C LEU B 274 -8.89 10.03 20.15
N ASP B 275 -7.80 9.67 20.82
CA ASP B 275 -6.52 10.40 20.73
C ASP B 275 -6.05 10.60 19.29
N VAL B 276 -6.31 9.62 18.43
CA VAL B 276 -5.86 9.65 17.03
C VAL B 276 -6.49 10.81 16.28
N LEU B 277 -7.79 10.95 16.45
CA LEU B 277 -8.52 12.00 15.77
C LEU B 277 -8.05 13.36 16.28
N LYS B 278 -7.79 13.45 17.59
CA LYS B 278 -7.25 14.68 18.18
C LYS B 278 -5.89 15.01 17.58
N ALA B 279 -5.01 14.01 17.53
CA ALA B 279 -3.66 14.20 16.98
C ALA B 279 -3.64 14.64 15.52
N TRP B 280 -4.62 14.19 14.72
CA TRP B 280 -4.62 14.48 13.30
C TRP B 280 -5.63 15.56 12.93
N SER B 281 -6.21 16.19 13.96
CA SER B 281 -7.18 17.29 13.82
C SER B 281 -8.34 16.88 12.91
N ILE B 282 -8.86 15.68 13.13
CA ILE B 282 -10.03 15.21 12.43
C ILE B 282 -11.18 15.34 13.38
N SER B 283 -12.15 16.19 13.03
N SER B 283 -12.15 16.20 13.02
CA SER B 283 -13.29 16.45 13.89
CA SER B 283 -13.29 16.46 13.88
C SER B 283 -14.43 15.50 13.55
C SER B 283 -14.43 15.51 13.55
N GLN B 284 -15.27 15.25 14.53
CA GLN B 284 -16.49 14.52 14.30
C GLN B 284 -17.52 15.49 13.70
N GLY B 285 -18.53 14.95 13.04
CA GLY B 285 -19.52 15.76 12.36
C GLY B 285 -19.88 15.23 10.99
N ASN B 286 -20.38 16.11 10.14
CA ASN B 286 -21.01 15.74 8.88
C ASN B 286 -20.11 16.07 7.70
N TYR B 287 -19.99 15.09 6.80
CA TYR B 287 -19.09 15.20 5.67
C TYR B 287 -19.78 15.07 4.33
N GLY B 288 -21.06 15.42 4.32
CA GLY B 288 -21.81 15.61 3.08
C GLY B 288 -22.63 14.42 2.66
N TYR B 289 -23.69 14.71 1.91
CA TYR B 289 -24.61 13.71 1.41
C TYR B 289 -23.89 12.76 0.46
N PHE B 290 -24.23 11.48 0.56
CA PHE B 290 -23.80 10.49 -0.42
C PHE B 290 -24.96 10.19 -1.35
N SER B 291 -24.67 10.11 -2.65
CA SER B 291 -25.70 9.82 -3.65
C SER B 291 -26.33 8.45 -3.42
N LYS B 292 -27.50 8.22 -4.02
CA LYS B 292 -28.14 6.91 -3.88
C LYS B 292 -27.22 5.76 -4.29
N GLN B 293 -26.48 5.92 -5.40
CA GLN B 293 -25.55 4.86 -5.83
C GLN B 293 -24.43 4.65 -4.81
N GLN B 294 -23.89 5.73 -4.27
CA GLN B 294 -22.85 5.62 -3.23
C GLN B 294 -23.38 4.99 -1.95
N GLN B 295 -24.61 5.34 -1.57
CA GLN B 295 -25.24 4.79 -0.37
C GLN B 295 -25.35 3.27 -0.38
N GLU B 296 -25.59 2.69 -1.56
N GLU B 296 -25.57 2.69 -1.55
CA GLU B 296 -25.64 1.24 -1.70
CA GLU B 296 -25.66 1.24 -1.67
C GLU B 296 -24.36 0.62 -1.16
C GLU B 296 -24.37 0.60 -1.19
N TYR B 297 -23.23 1.18 -1.59
CA TYR B 297 -21.93 0.70 -1.17
C TYR B 297 -21.64 1.06 0.29
N MET B 298 -22.03 2.26 0.72
CA MET B 298 -21.72 2.69 2.09
C MET B 298 -22.47 1.82 3.12
N CYS B 299 -23.69 1.40 2.79
CA CYS B 299 -24.40 0.44 3.62
C CYS B 299 -23.54 -0.82 3.81
N TYR B 300 -22.98 -1.33 2.72
CA TYR B 300 -22.11 -2.49 2.81
C TYR B 300 -20.92 -2.24 3.74
N HIS B 301 -20.30 -1.07 3.59
CA HIS B 301 -19.18 -0.71 4.44
C HIS B 301 -19.56 -0.70 5.92
N ARG B 302 -20.66 -0.03 6.25
CA ARG B 302 -21.17 0.03 7.63
C ARG B 302 -21.43 -1.36 8.21
N GLU B 303 -21.96 -2.25 7.39
CA GLU B 303 -22.40 -3.55 7.88
C GLU B 303 -21.31 -4.62 7.89
N ASN B 304 -20.21 -4.41 7.15
CA ASN B 304 -19.19 -5.45 6.99
C ASN B 304 -17.75 -5.01 7.22
N VAL B 305 -17.43 -3.74 7.00
CA VAL B 305 -16.05 -3.27 7.15
C VAL B 305 -15.85 -2.54 8.47
N PHE B 306 -16.76 -1.63 8.76
CA PHE B 306 -16.76 -0.88 10.00
C PHE B 306 -16.59 -1.88 11.16
N LYS B 307 -15.65 -1.61 12.06
N LYS B 307 -15.66 -1.61 12.05
CA LYS B 307 -15.31 -2.52 13.14
CA LYS B 307 -15.31 -2.53 13.13
C LYS B 307 -16.31 -2.38 14.28
C LYS B 307 -16.30 -2.39 14.29
N LYS B 308 -17.18 -3.39 14.40
CA LYS B 308 -18.28 -3.37 15.35
C LYS B 308 -18.34 -4.74 16.00
N LEU B 309 -18.18 -4.77 17.32
N LEU B 309 -18.12 -4.80 17.31
CA LEU B 309 -18.36 -5.98 18.12
CA LEU B 309 -18.03 -6.08 18.02
C LEU B 309 -19.85 -6.26 18.29
C LEU B 309 -19.37 -6.81 18.02
#